data_9KDG
#
_entry.id   9KDG
#
_cell.length_a   1.00
_cell.length_b   1.00
_cell.length_c   1.00
_cell.angle_alpha   90.00
_cell.angle_beta   90.00
_cell.angle_gamma   90.00
#
_symmetry.space_group_name_H-M   'P 1'
#
loop_
_entity.id
_entity.type
_entity.pdbx_description
1 polymer 'Calcineurin-fusion endothelin receptor type-B'
2 polymer 'Peptidyl-prolyl cis-trans isomerase FKBP1B'
3 non-polymer 'CALCIUM ION'
4 non-polymer 'FE (III) ION'
5 non-polymer 'ZINC ION'
6 non-polymer 8-DEETHYL-8-[BUT-3-ENYL]-ASCOMYCIN
#
loop_
_entity_poly.entity_id
_entity_poly.type
_entity_poly.pdbx_seq_one_letter_code
_entity_poly.pdbx_strand_id
1 'polypeptide(L)'
;AMGQPVGAPGFPPDRATPLLQTAEIMTPPTKTLWPKGENLYFQGGGLAPAEVPKGDRTAGSPPRTISPPPCQGPIEIKET
FKYINTVVSCLVFVLGIIGNSTLLYIIYKNKCMRNGPNILIASLALGDLLHIVIAIPINVYKLLAEDWPFGAEMCKLVPF
IQKASVGITVLSLCALSIDRYRAVASWSRIKGIGVPKWTAVEIVLIWVVSVVLAVPEAIGFDIITMDYKGSYLRICLLHP
VQKTAFMQFYATAKDWWLFSFYFCLPLAITAFFYTLMTCEMLRKKDADEIKRLGKRFKKLDLDNSGSLSVEEFMSLPELQ
QNPLVQRVIDIFDTDGNGEVDFKEFIEGVSQFSVKGDKEQKLRFAFRIYDMDKDGYISNGELFQVLKMMVGNNLKDTQLQ
QIVDKTIINADKDGDGRISFEEFCAVVGGLDIHKKMVVDVDHLKQRREVAKTVFCLVLVFALCWLPLHLARILKLTLYNQ
NDPNRCELLSFLLVLDYIGINMASLNSCANPIALYLVSKRFKNAFKSALCCWAQSSGGGGSGGSSSGGVVKAVPFPPSHR
LTAKEVFDNDGKPRVDILKAHLMKEGRLEETVALRIITEGASILRQEKNLLDIDAPVTVCGDIHGQFFDLMKLFEVGGSP
ANTRYLFLGDYVDRGYFSIECVLYLWALKILYPKTLFLLRGNHECRHLTEYFTFKQECKIKYSERVYDACMDAFDCLPLA
ALMNQQFLCVHGGLSPEINTLDDIRKLDRFKEPPAYGPMCDILWSDPLEDFGNEKTQEHFTHNTVRGCSYFYSYPAVCEF
LQHNNLLSILRAHEAQDAGYRMYRKSQTTGFPSLITIFSAPNYLDVYNNKAAVLKYENNVMNIRQFNCSPHPYWLPNFMD
VFTWSLPFVGEKVTEMLVNVLNLEVLFQ
;
A
2 'polypeptide(L)'
;MGSGVEIETISPGDGRTFPKKGQTCVVHYTGMLQNGKKFDSSRDRNKPFKFRIGKQEVIKGFEEGAAQMSLGQRAKLTCT
PDVAYGATGHPGVIPPNATLIFDVELLNLEHHHHHH
;
F
#
# COMPACT_ATOMS: atom_id res chain seq x y z
N CYS A 71 -21.55 -54.49 35.38
CA CYS A 71 -22.36 -55.23 34.43
C CYS A 71 -21.48 -55.81 33.33
N GLN A 72 -22.06 -56.06 32.17
CA GLN A 72 -21.34 -56.60 31.02
C GLN A 72 -21.31 -55.65 29.83
N GLY A 73 -22.23 -54.68 29.78
CA GLY A 73 -22.28 -53.72 28.70
C GLY A 73 -21.06 -52.84 28.52
N PRO A 74 -20.59 -52.17 29.58
CA PRO A 74 -19.52 -51.17 29.39
C PRO A 74 -18.19 -51.75 28.92
N ILE A 75 -17.95 -53.05 29.10
CA ILE A 75 -16.65 -53.62 28.74
C ILE A 75 -16.44 -53.54 27.23
N GLU A 76 -17.41 -54.01 26.46
CA GLU A 76 -17.27 -53.98 25.00
C GLU A 76 -17.40 -52.56 24.44
N ILE A 77 -18.24 -51.73 25.06
CA ILE A 77 -18.44 -50.37 24.57
C ILE A 77 -17.15 -49.57 24.68
N LYS A 78 -16.47 -49.67 25.82
CA LYS A 78 -15.23 -48.91 26.02
C LYS A 78 -14.15 -49.36 25.05
N GLU A 79 -14.03 -50.67 24.82
CA GLU A 79 -13.05 -51.16 23.87
C GLU A 79 -13.43 -50.79 22.44
N THR A 80 -14.72 -50.77 22.14
CA THR A 80 -15.15 -50.41 20.78
C THR A 80 -14.77 -48.97 20.45
N PHE A 81 -14.96 -48.05 21.39
CA PHE A 81 -14.65 -46.65 21.16
C PHE A 81 -13.20 -46.29 21.43
N LYS A 82 -12.38 -47.23 21.91
CA LYS A 82 -10.98 -46.93 22.17
C LYS A 82 -10.26 -46.53 20.90
N TYR A 83 -10.52 -47.25 19.80
CA TYR A 83 -9.93 -46.87 18.52
C TYR A 83 -10.78 -45.86 17.75
N ILE A 84 -12.09 -45.81 18.02
CA ILE A 84 -12.92 -44.81 17.37
C ILE A 84 -12.59 -43.41 17.86
N ASN A 85 -12.42 -43.26 19.17
CA ASN A 85 -12.17 -41.93 19.74
C ASN A 85 -10.82 -41.38 19.29
N THR A 86 -9.79 -42.23 19.22
CA THR A 86 -8.46 -41.74 18.87
C THR A 86 -8.38 -41.34 17.41
N VAL A 87 -9.05 -42.08 16.52
CA VAL A 87 -9.03 -41.72 15.11
C VAL A 87 -9.74 -40.39 14.87
N VAL A 88 -10.87 -40.16 15.54
CA VAL A 88 -11.57 -38.89 15.40
C VAL A 88 -10.69 -37.75 15.89
N SER A 89 -10.02 -37.92 17.02
CA SER A 89 -9.13 -36.87 17.51
C SER A 89 -7.98 -36.61 16.54
N CYS A 90 -7.56 -37.63 15.78
CA CYS A 90 -6.57 -37.39 14.74
C CYS A 90 -7.14 -36.56 13.60
N LEU A 91 -8.38 -36.83 13.19
CA LEU A 91 -9.01 -36.05 12.14
C LEU A 91 -9.22 -34.61 12.59
N VAL A 92 -9.57 -34.43 13.86
CA VAL A 92 -9.68 -33.08 14.42
C VAL A 92 -8.31 -32.40 14.44
N PHE A 93 -7.27 -33.13 14.80
CA PHE A 93 -5.94 -32.54 14.90
C PHE A 93 -5.44 -32.07 13.53
N VAL A 94 -5.52 -32.94 12.53
CA VAL A 94 -5.02 -32.58 11.20
C VAL A 94 -5.83 -31.43 10.61
N LEU A 95 -7.16 -31.57 10.62
CA LEU A 95 -8.01 -30.51 10.08
C LEU A 95 -7.94 -29.25 10.94
N GLY A 96 -7.89 -29.42 12.26
CA GLY A 96 -7.87 -28.26 13.14
C GLY A 96 -6.60 -27.44 13.02
N ILE A 97 -5.45 -28.10 12.89
CA ILE A 97 -4.19 -27.37 12.87
C ILE A 97 -4.04 -26.60 11.56
N ILE A 98 -4.62 -27.10 10.47
CA ILE A 98 -4.46 -26.43 9.18
C ILE A 98 -5.65 -25.53 8.89
N GLY A 99 -6.85 -25.95 9.28
CA GLY A 99 -8.02 -25.13 9.04
C GLY A 99 -8.02 -23.85 9.86
N ASN A 100 -7.67 -23.96 11.15
CA ASN A 100 -7.71 -22.78 12.01
C ASN A 100 -6.51 -21.86 11.74
N SER A 101 -5.35 -22.44 11.45
CA SER A 101 -4.17 -21.62 11.17
C SER A 101 -4.32 -20.83 9.88
N THR A 102 -4.85 -21.47 8.83
CA THR A 102 -5.10 -20.75 7.59
C THR A 102 -6.10 -19.63 7.80
N LEU A 103 -7.07 -19.84 8.68
CA LEU A 103 -8.05 -18.81 8.99
C LEU A 103 -7.38 -17.57 9.57
N LEU A 104 -6.40 -17.76 10.46
CA LEU A 104 -5.65 -16.62 10.99
C LEU A 104 -4.80 -15.97 9.92
N TYR A 105 -4.20 -16.77 9.04
CA TYR A 105 -3.34 -16.23 7.98
C TYR A 105 -4.13 -15.37 7.01
N ILE A 106 -5.42 -15.67 6.84
CA ILE A 106 -6.26 -14.87 5.95
C ILE A 106 -6.51 -13.49 6.54
N ILE A 107 -6.77 -13.43 7.85
CA ILE A 107 -7.24 -12.19 8.46
C ILE A 107 -6.19 -11.09 8.35
N TYR A 108 -4.93 -11.40 8.64
CA TYR A 108 -3.94 -10.32 8.69
C TYR A 108 -3.39 -9.99 7.31
N LYS A 109 -3.33 -10.97 6.40
CA LYS A 109 -2.81 -10.70 5.07
C LYS A 109 -3.74 -9.79 4.28
N ASN A 110 -5.04 -10.05 4.35
CA ASN A 110 -6.03 -9.25 3.62
C ASN A 110 -6.49 -8.11 4.52
N LYS A 111 -6.38 -6.88 4.03
CA LYS A 111 -6.65 -5.73 4.89
C LYS A 111 -8.14 -5.39 4.96
N CYS A 112 -8.93 -5.83 3.98
CA CYS A 112 -10.38 -5.69 4.12
C CYS A 112 -10.96 -6.74 5.07
N MET A 113 -10.26 -7.87 5.26
CA MET A 113 -10.80 -8.93 6.10
C MET A 113 -10.67 -8.61 7.59
N ARG A 114 -9.96 -7.52 7.92
CA ARG A 114 -9.75 -7.17 9.32
C ARG A 114 -11.07 -6.97 10.04
N ASN A 115 -11.85 -5.97 9.61
CA ASN A 115 -13.20 -5.74 10.09
C ASN A 115 -13.30 -5.70 11.61
N GLY A 116 -14.52 -5.82 12.12
CA GLY A 116 -14.75 -5.99 13.54
C GLY A 116 -15.45 -7.28 13.91
N PRO A 117 -16.40 -7.74 13.06
CA PRO A 117 -16.95 -9.08 13.26
C PRO A 117 -16.05 -10.19 12.76
N ASN A 118 -15.06 -9.87 11.92
CA ASN A 118 -14.13 -10.87 11.43
C ASN A 118 -12.89 -11.01 12.28
N ILE A 119 -12.76 -10.22 13.34
CA ILE A 119 -11.63 -10.40 14.24
C ILE A 119 -12.02 -11.28 15.44
N LEU A 120 -13.29 -11.26 15.83
CA LEU A 120 -13.76 -12.21 16.83
C LEU A 120 -13.73 -13.64 16.30
N ILE A 121 -14.00 -13.82 15.01
CA ILE A 121 -13.87 -15.14 14.41
C ILE A 121 -12.42 -15.62 14.48
N ALA A 122 -11.47 -14.72 14.24
CA ALA A 122 -10.06 -15.06 14.44
C ALA A 122 -9.77 -15.39 15.89
N SER A 123 -10.49 -14.77 16.83
CA SER A 123 -10.33 -15.12 18.23
C SER A 123 -10.83 -16.53 18.50
N LEU A 124 -11.91 -16.94 17.83
CA LEU A 124 -12.37 -18.32 17.96
C LEU A 124 -11.31 -19.31 17.49
N ALA A 125 -10.69 -19.04 16.34
CA ALA A 125 -9.68 -19.96 15.82
C ALA A 125 -8.45 -20.01 16.71
N LEU A 126 -8.02 -18.87 17.25
CA LEU A 126 -6.86 -18.88 18.13
C LEU A 126 -7.17 -19.60 19.43
N GLY A 127 -8.37 -19.38 19.99
CA GLY A 127 -8.75 -20.08 21.20
C GLY A 127 -8.85 -21.58 21.01
N ASP A 128 -9.41 -22.02 19.90
CA ASP A 128 -9.52 -23.43 19.59
C ASP A 128 -8.20 -24.06 19.18
N LEU A 129 -7.30 -23.29 18.55
CA LEU A 129 -6.00 -23.83 18.18
C LEU A 129 -5.20 -24.22 19.42
N LEU A 130 -5.25 -23.38 20.46
CA LEU A 130 -4.54 -23.71 21.70
C LEU A 130 -5.06 -25.00 22.31
N HIS A 131 -6.37 -25.19 22.28
CA HIS A 131 -6.95 -26.44 22.77
C HIS A 131 -6.51 -27.63 21.92
N ILE A 132 -6.41 -27.42 20.60
CA ILE A 132 -6.04 -28.53 19.72
C ILE A 132 -4.59 -28.94 19.93
N VAL A 133 -3.67 -27.98 20.06
CA VAL A 133 -2.26 -28.31 20.13
C VAL A 133 -1.85 -28.84 21.51
N ILE A 134 -2.64 -28.57 22.55
CA ILE A 134 -2.33 -29.00 23.90
C ILE A 134 -3.20 -30.17 24.35
N ALA A 135 -4.52 -29.95 24.40
CA ALA A 135 -5.41 -30.95 24.99
C ALA A 135 -5.51 -32.21 24.15
N ILE A 136 -5.74 -32.08 22.85
CA ILE A 136 -6.00 -33.27 22.01
C ILE A 136 -4.85 -34.25 21.99
N PRO A 137 -3.58 -33.85 21.80
CA PRO A 137 -2.52 -34.87 21.75
C PRO A 137 -2.42 -35.68 23.03
N ILE A 138 -2.37 -35.02 24.17
CA ILE A 138 -2.27 -35.72 25.45
C ILE A 138 -3.56 -36.45 25.77
N ASN A 139 -4.70 -35.92 25.32
CA ASN A 139 -5.96 -36.65 25.48
C ASN A 139 -5.95 -37.96 24.72
N VAL A 140 -5.25 -38.01 23.58
CA VAL A 140 -5.10 -39.27 22.87
C VAL A 140 -4.23 -40.23 23.68
N TYR A 141 -3.15 -39.72 24.28
CA TYR A 141 -2.22 -40.59 24.98
C TYR A 141 -2.82 -41.14 26.27
N LYS A 142 -3.84 -40.47 26.81
CA LYS A 142 -4.61 -41.07 27.89
C LYS A 142 -5.31 -42.35 27.43
N LEU A 143 -5.89 -42.31 26.23
CA LEU A 143 -6.71 -43.42 25.75
C LEU A 143 -5.85 -44.65 25.45
N LEU A 144 -4.74 -44.46 24.74
CA LEU A 144 -3.93 -45.59 24.32
C LEU A 144 -3.13 -46.17 25.47
N ALA A 145 -2.58 -45.32 26.34
CA ALA A 145 -1.70 -45.82 27.40
C ALA A 145 -2.46 -46.19 28.67
N GLU A 146 -3.64 -45.60 28.89
CA GLU A 146 -4.43 -45.81 30.11
C GLU A 146 -3.62 -45.49 31.36
N ASP A 147 -2.67 -44.58 31.26
CA ASP A 147 -1.81 -44.20 32.38
C ASP A 147 -1.38 -42.76 32.22
N TRP A 148 -0.89 -42.17 33.31
CA TRP A 148 -0.40 -40.80 33.28
C TRP A 148 1.10 -40.80 33.49
N PRO A 149 1.91 -40.82 32.41
CA PRO A 149 3.36 -40.76 32.58
C PRO A 149 3.89 -39.39 32.92
N PHE A 150 3.01 -38.40 33.09
CA PHE A 150 3.41 -37.04 33.35
C PHE A 150 3.26 -36.72 34.83
N GLY A 151 3.64 -35.50 35.21
CA GLY A 151 3.58 -35.06 36.59
C GLY A 151 2.23 -34.48 36.96
N ALA A 152 2.17 -33.92 38.17
CA ALA A 152 0.94 -33.32 38.65
C ALA A 152 0.66 -31.98 37.99
N GLU A 153 1.70 -31.24 37.60
CA GLU A 153 1.50 -29.94 36.98
C GLU A 153 0.76 -30.06 35.65
N MET A 154 1.08 -31.10 34.87
CA MET A 154 0.38 -31.32 33.62
C MET A 154 -1.08 -31.70 33.85
N CYS A 155 -1.36 -32.43 34.94
CA CYS A 155 -2.72 -32.90 35.19
C CYS A 155 -3.69 -31.76 35.44
N LYS A 156 -3.22 -30.68 36.08
CA LYS A 156 -4.05 -29.50 36.30
C LYS A 156 -4.11 -28.60 35.08
N LEU A 157 -3.38 -28.93 34.02
CA LEU A 157 -3.37 -28.12 32.81
C LEU A 157 -4.35 -28.66 31.77
N VAL A 158 -4.64 -29.95 31.83
CA VAL A 158 -5.48 -30.60 30.83
C VAL A 158 -6.90 -30.04 30.89
N PRO A 159 -7.62 -30.16 32.01
CA PRO A 159 -9.00 -29.65 32.01
C PRO A 159 -9.07 -28.13 32.05
N PHE A 160 -8.05 -27.46 32.59
CA PHE A 160 -8.11 -26.02 32.71
C PHE A 160 -8.18 -25.36 31.34
N ILE A 161 -7.39 -25.82 30.37
CA ILE A 161 -7.41 -25.24 29.04
C ILE A 161 -8.64 -25.72 28.27
N GLN A 162 -8.97 -27.00 28.38
CA GLN A 162 -10.13 -27.52 27.66
C GLN A 162 -11.41 -26.82 28.10
N LYS A 163 -11.56 -26.57 29.40
CA LYS A 163 -12.71 -25.82 29.87
C LYS A 163 -12.53 -24.32 29.71
N ALA A 164 -11.31 -23.87 29.37
CA ALA A 164 -11.13 -22.47 29.03
C ALA A 164 -11.44 -22.19 27.58
N SER A 165 -11.05 -23.09 26.66
CA SER A 165 -11.29 -22.85 25.25
C SER A 165 -12.78 -22.73 24.94
N VAL A 166 -13.60 -23.61 25.53
CA VAL A 166 -15.04 -23.47 25.38
C VAL A 166 -15.52 -22.19 26.03
N GLY A 167 -14.75 -21.63 26.96
CA GLY A 167 -15.08 -20.32 27.48
C GLY A 167 -14.96 -19.23 26.44
N ILE A 168 -13.90 -19.27 25.64
CA ILE A 168 -13.80 -18.31 24.53
C ILE A 168 -14.84 -18.60 23.47
N THR A 169 -15.06 -19.88 23.15
CA THR A 169 -16.03 -20.23 22.11
C THR A 169 -17.43 -19.77 22.50
N VAL A 170 -17.82 -19.99 23.75
CA VAL A 170 -19.16 -19.61 24.19
C VAL A 170 -19.32 -18.10 24.23
N LEU A 171 -18.35 -17.41 24.84
CA LEU A 171 -18.48 -15.96 24.99
C LEU A 171 -18.32 -15.22 23.67
N SER A 172 -17.44 -15.68 22.79
CA SER A 172 -17.29 -15.01 21.50
C SER A 172 -18.58 -15.06 20.69
N LEU A 173 -19.24 -16.23 20.68
CA LEU A 173 -20.51 -16.34 19.98
C LEU A 173 -21.56 -15.42 20.60
N CYS A 174 -21.45 -15.13 21.90
CA CYS A 174 -22.32 -14.13 22.51
C CYS A 174 -21.94 -12.73 22.06
N ALA A 175 -20.64 -12.41 22.04
CA ALA A 175 -20.20 -11.10 21.57
C ALA A 175 -20.54 -10.90 20.10
N LEU A 176 -20.35 -11.95 19.30
CA LEU A 176 -20.69 -11.84 17.88
C LEU A 176 -22.17 -11.58 17.67
N SER A 177 -23.02 -12.21 18.47
CA SER A 177 -24.46 -11.95 18.38
C SER A 177 -24.81 -10.53 18.79
N ILE A 178 -24.22 -10.05 19.89
CA ILE A 178 -24.46 -8.68 20.32
C ILE A 178 -23.94 -7.69 19.29
N ASP A 179 -22.78 -7.97 18.72
CA ASP A 179 -22.18 -7.05 17.75
C ASP A 179 -23.07 -6.86 16.53
N ARG A 180 -23.73 -7.92 16.05
CA ARG A 180 -24.54 -7.78 14.86
C ARG A 180 -25.86 -7.07 15.13
N TYR A 181 -26.46 -7.29 16.30
CA TYR A 181 -27.65 -6.53 16.66
C TYR A 181 -27.30 -5.07 16.92
N ARG A 182 -26.06 -4.79 17.31
CA ARG A 182 -25.62 -3.42 17.52
C ARG A 182 -25.71 -2.61 16.23
N ALA A 183 -25.30 -3.20 15.10
CA ALA A 183 -25.35 -2.50 13.83
C ALA A 183 -26.78 -2.23 13.38
N VAL A 184 -27.66 -3.21 13.54
CA VAL A 184 -29.04 -3.07 13.09
C VAL A 184 -29.80 -2.04 13.92
N ALA A 185 -29.61 -2.03 15.24
CA ALA A 185 -30.30 -1.09 16.11
C ALA A 185 -29.84 0.33 15.85
N VAL A 195 -8.95 -2.74 13.24
CA VAL A 195 -9.36 -3.07 14.60
C VAL A 195 -9.85 -1.82 15.33
N PRO A 196 -11.16 -1.72 15.54
CA PRO A 196 -11.71 -0.58 16.27
C PRO A 196 -11.26 -0.55 17.71
N LYS A 197 -11.34 0.64 18.31
CA LYS A 197 -10.88 0.83 19.68
C LYS A 197 -11.69 -0.01 20.66
N TRP A 198 -13.01 -0.07 20.48
CA TRP A 198 -13.85 -0.83 21.40
C TRP A 198 -13.82 -2.32 21.13
N THR A 199 -13.20 -2.76 20.03
CA THR A 199 -13.07 -4.19 19.78
C THR A 199 -12.02 -4.82 20.69
N ALA A 200 -10.94 -4.10 20.97
CA ALA A 200 -9.84 -4.67 21.74
C ALA A 200 -10.28 -5.05 23.15
N VAL A 201 -11.17 -4.27 23.75
CA VAL A 201 -11.64 -4.59 25.10
C VAL A 201 -12.48 -5.87 25.07
N GLU A 202 -13.24 -6.08 24.00
CA GLU A 202 -14.07 -7.28 23.89
C GLU A 202 -13.20 -8.53 23.87
N ILE A 203 -12.12 -8.52 23.08
CA ILE A 203 -11.27 -9.69 22.96
C ILE A 203 -10.60 -10.01 24.29
N VAL A 204 -10.06 -9.00 24.96
CA VAL A 204 -9.38 -9.23 26.23
C VAL A 204 -10.37 -9.61 27.32
N LEU A 205 -11.51 -8.91 27.38
CA LEU A 205 -12.50 -9.21 28.41
C LEU A 205 -13.04 -10.63 28.25
N ILE A 206 -13.26 -11.07 27.01
CA ILE A 206 -13.73 -12.43 26.76
C ILE A 206 -12.70 -13.45 27.25
N TRP A 207 -11.42 -13.23 26.91
CA TRP A 207 -10.40 -14.20 27.27
C TRP A 207 -10.19 -14.28 28.76
N VAL A 208 -10.11 -13.13 29.44
CA VAL A 208 -9.86 -13.14 30.88
C VAL A 208 -11.03 -13.75 31.63
N VAL A 209 -12.26 -13.35 31.28
CA VAL A 209 -13.44 -13.88 31.96
C VAL A 209 -13.54 -15.38 31.75
N SER A 210 -13.19 -15.86 30.55
CA SER A 210 -13.22 -17.30 30.30
C SER A 210 -12.23 -18.03 31.18
N VAL A 211 -11.00 -17.51 31.30
CA VAL A 211 -9.96 -18.19 32.07
C VAL A 211 -10.30 -18.20 33.55
N VAL A 212 -10.90 -17.12 34.07
CA VAL A 212 -11.26 -17.10 35.49
C VAL A 212 -12.23 -18.22 35.81
N LEU A 213 -13.14 -18.53 34.89
CA LEU A 213 -14.12 -19.57 35.14
C LEU A 213 -13.62 -20.97 34.84
N ALA A 214 -12.41 -21.10 34.30
CA ALA A 214 -11.79 -22.41 34.11
C ALA A 214 -10.90 -22.80 35.27
N VAL A 215 -10.76 -21.94 36.28
CA VAL A 215 -9.91 -22.20 37.44
C VAL A 215 -10.41 -23.38 38.25
N PRO A 216 -11.72 -23.54 38.51
CA PRO A 216 -12.17 -24.68 39.32
C PRO A 216 -11.65 -26.03 38.84
N GLU A 217 -11.57 -26.24 37.52
CA GLU A 217 -11.00 -27.49 37.03
C GLU A 217 -9.54 -27.62 37.45
N ALA A 218 -8.78 -26.53 37.35
CA ALA A 218 -7.36 -26.60 37.66
C ALA A 218 -7.11 -26.88 39.15
N ILE A 219 -8.04 -26.46 40.01
CA ILE A 219 -7.85 -26.66 41.44
C ILE A 219 -7.95 -28.13 41.82
N GLY A 220 -8.98 -28.82 41.33
CA GLY A 220 -9.36 -30.10 41.89
C GLY A 220 -8.69 -31.34 41.31
N PHE A 221 -8.03 -31.22 40.17
CA PHE A 221 -7.49 -32.39 39.50
C PHE A 221 -6.14 -32.79 40.08
N ASP A 222 -6.03 -34.05 40.46
CA ASP A 222 -4.80 -34.61 41.04
C ASP A 222 -4.91 -36.13 41.02
N ILE A 223 -3.82 -36.80 41.34
CA ILE A 223 -3.70 -38.25 41.22
C ILE A 223 -3.86 -38.87 42.60
N ILE A 224 -5.05 -39.39 42.89
CA ILE A 224 -5.31 -40.05 44.17
C ILE A 224 -6.16 -41.31 43.91
N THR A 225 -6.10 -42.26 44.85
CA THR A 225 -7.09 -43.31 45.09
C THR A 225 -7.39 -44.25 43.92
N MET A 226 -6.35 -44.94 43.41
CA MET A 226 -6.60 -46.13 42.62
C MET A 226 -5.46 -47.12 42.84
N ASP A 227 -5.79 -48.40 42.90
CA ASP A 227 -4.81 -49.48 42.99
C ASP A 227 -5.48 -50.73 42.44
N TYR A 228 -5.17 -51.07 41.19
CA TYR A 228 -5.87 -52.13 40.46
C TYR A 228 -5.01 -53.38 40.44
N LYS A 229 -5.38 -54.36 41.27
CA LYS A 229 -4.74 -55.69 41.28
C LYS A 229 -3.23 -55.58 41.48
N GLY A 230 -2.82 -54.69 42.38
CA GLY A 230 -1.43 -54.54 42.72
C GLY A 230 -0.62 -53.67 41.79
N SER A 231 -1.23 -53.16 40.73
CA SER A 231 -0.53 -52.32 39.76
C SER A 231 -0.77 -50.85 40.11
N TYR A 232 0.32 -50.12 40.32
CA TYR A 232 0.25 -48.70 40.64
C TYR A 232 0.17 -47.91 39.34
N LEU A 233 -0.98 -47.30 39.08
CA LEU A 233 -1.22 -46.55 37.86
C LEU A 233 -1.57 -45.12 38.22
N ARG A 234 -1.14 -44.17 37.38
CA ARG A 234 -1.48 -42.77 37.57
C ARG A 234 -2.61 -42.39 36.63
N ILE A 235 -3.72 -41.92 37.19
CA ILE A 235 -4.91 -41.54 36.43
C ILE A 235 -5.43 -40.21 36.95
N CYS A 236 -5.71 -39.29 36.04
CA CYS A 236 -6.24 -37.97 36.38
C CYS A 236 -7.75 -38.06 36.57
N LEU A 237 -8.24 -37.40 37.60
CA LEU A 237 -9.67 -37.39 37.89
C LEU A 237 -9.97 -36.22 38.81
N LEU A 238 -11.26 -35.95 38.99
CA LEU A 238 -11.69 -34.95 39.96
C LEU A 238 -11.61 -35.54 41.37
N HIS A 239 -11.20 -34.74 42.33
CA HIS A 239 -11.01 -35.23 43.69
C HIS A 239 -12.37 -35.61 44.30
N PRO A 240 -12.52 -36.85 44.78
CA PRO A 240 -13.78 -37.20 45.45
C PRO A 240 -14.04 -36.37 46.69
N VAL A 241 -12.98 -35.98 47.41
CA VAL A 241 -13.08 -35.11 48.57
C VAL A 241 -12.29 -33.84 48.25
N GLN A 242 -12.93 -32.69 48.44
CA GLN A 242 -12.34 -31.42 48.07
C GLN A 242 -11.82 -30.69 49.31
N LYS A 243 -10.88 -29.77 49.09
CA LYS A 243 -10.34 -28.99 50.19
C LYS A 243 -11.40 -28.10 50.81
N THR A 244 -12.26 -27.51 49.98
CA THR A 244 -13.32 -26.63 50.43
C THR A 244 -14.68 -27.15 49.96
N ALA A 245 -15.73 -26.73 50.66
CA ALA A 245 -17.08 -27.13 50.30
C ALA A 245 -17.55 -26.49 49.00
N PHE A 246 -16.98 -25.33 48.62
CA PHE A 246 -17.33 -24.72 47.34
C PHE A 246 -16.95 -25.63 46.18
N MET A 247 -15.76 -26.22 46.23
CA MET A 247 -15.36 -27.18 45.22
C MET A 247 -16.15 -28.48 45.34
N GLN A 248 -16.60 -28.82 46.54
CA GLN A 248 -17.48 -29.97 46.72
C GLN A 248 -18.80 -29.75 46.00
N PHE A 249 -19.35 -28.53 46.08
CA PHE A 249 -20.54 -28.20 45.31
C PHE A 249 -20.26 -28.28 43.81
N TYR A 250 -19.10 -27.79 43.39
CA TYR A 250 -18.74 -27.86 41.97
C TYR A 250 -18.59 -29.31 41.51
N ALA A 251 -18.00 -30.16 42.34
CA ALA A 251 -17.82 -31.56 41.97
C ALA A 251 -19.14 -32.30 41.80
N THR A 252 -20.11 -32.02 42.67
CA THR A 252 -21.39 -32.72 42.59
C THR A 252 -22.21 -32.24 41.39
N ALA A 253 -22.22 -30.93 41.14
CA ALA A 253 -23.01 -30.34 40.06
C ALA A 253 -22.13 -29.88 38.90
N LYS A 254 -21.07 -30.63 38.60
CA LYS A 254 -20.17 -30.24 37.52
C LYS A 254 -20.88 -30.22 36.17
N ASP A 255 -21.70 -31.24 35.90
CA ASP A 255 -22.44 -31.25 34.64
C ASP A 255 -23.49 -30.15 34.60
N TRP A 256 -24.11 -29.84 35.75
CA TRP A 256 -25.09 -28.76 35.78
C TRP A 256 -24.42 -27.41 35.54
N TRP A 257 -23.19 -27.22 35.99
CA TRP A 257 -22.49 -25.97 35.72
C TRP A 257 -22.02 -25.91 34.27
N LEU A 258 -21.58 -27.04 33.72
CA LEU A 258 -21.22 -27.08 32.31
C LEU A 258 -22.43 -26.85 31.42
N PHE A 259 -23.56 -27.46 31.77
CA PHE A 259 -24.77 -27.29 30.97
C PHE A 259 -25.34 -25.90 31.08
N SER A 260 -25.12 -25.23 32.21
CA SER A 260 -25.74 -23.92 32.43
C SER A 260 -24.94 -22.80 31.76
N PHE A 261 -23.69 -22.60 32.18
CA PHE A 261 -22.94 -21.44 31.72
C PHE A 261 -22.43 -21.60 30.30
N TYR A 262 -22.23 -22.83 29.84
CA TYR A 262 -21.64 -23.08 28.54
C TYR A 262 -22.67 -23.51 27.49
N PHE A 263 -23.88 -23.86 27.90
CA PHE A 263 -24.90 -24.25 26.93
C PHE A 263 -26.15 -23.37 27.03
N CYS A 264 -26.67 -23.20 28.24
CA CYS A 264 -27.87 -22.38 28.42
C CYS A 264 -27.57 -20.90 28.19
N LEU A 265 -26.46 -20.41 28.76
CA LEU A 265 -26.11 -19.01 28.61
C LEU A 265 -25.87 -18.58 27.18
N PRO A 266 -25.06 -19.28 26.36
CA PRO A 266 -24.86 -18.80 25.00
C PRO A 266 -26.08 -18.97 24.11
N LEU A 267 -26.73 -20.13 24.16
CA LEU A 267 -27.86 -20.37 23.28
C LEU A 267 -29.02 -19.42 23.58
N ALA A 268 -29.17 -19.01 24.84
CA ALA A 268 -30.19 -18.03 25.16
C ALA A 268 -29.83 -16.64 24.64
N ILE A 269 -28.59 -16.21 24.85
CA ILE A 269 -28.18 -14.86 24.44
C ILE A 269 -28.12 -14.77 22.92
N THR A 270 -27.52 -15.76 22.26
CA THR A 270 -27.41 -15.72 20.82
C THR A 270 -28.77 -15.74 20.15
N ALA A 271 -29.70 -16.55 20.65
CA ALA A 271 -31.03 -16.62 20.06
C ALA A 271 -31.90 -15.43 20.42
N PHE A 272 -31.79 -14.92 21.65
CA PHE A 272 -32.61 -13.79 22.07
C PHE A 272 -32.31 -12.56 21.23
N PHE A 273 -31.02 -12.32 20.95
CA PHE A 273 -30.67 -11.19 20.11
C PHE A 273 -30.99 -11.45 18.64
N TYR A 274 -30.90 -12.70 18.19
CA TYR A 274 -31.28 -13.02 16.82
C TYR A 274 -32.78 -12.97 16.61
N THR A 275 -33.55 -13.41 17.61
CA THR A 275 -35.00 -13.26 17.52
C THR A 275 -35.40 -11.80 17.49
N LEU A 276 -34.76 -10.97 18.32
CA LEU A 276 -35.04 -9.54 18.30
C LEU A 276 -34.53 -8.89 17.01
N MET A 277 -33.40 -9.38 16.48
CA MET A 277 -32.87 -8.86 15.23
C MET A 277 -33.83 -9.11 14.07
N THR A 278 -34.43 -10.30 14.02
CA THR A 278 -35.35 -10.61 12.94
C THR A 278 -36.58 -9.72 12.98
N CYS A 279 -37.11 -9.47 14.18
CA CYS A 279 -38.29 -8.62 14.32
C CYS A 279 -37.99 -7.19 13.90
N GLU A 280 -36.84 -6.66 14.31
CA GLU A 280 -36.50 -5.28 13.97
C GLU A 280 -36.27 -5.11 12.47
N MET A 281 -35.59 -6.06 11.84
CA MET A 281 -35.36 -5.99 10.41
C MET A 281 -36.67 -6.10 9.63
N LEU A 282 -37.58 -6.95 10.09
CA LEU A 282 -38.85 -7.14 9.39
C LEU A 282 -39.67 -5.87 9.37
N ARG A 283 -39.74 -5.17 10.49
CA ARG A 283 -40.51 -3.94 10.58
C ARG A 283 -39.80 -2.80 9.86
N LYS A 284 -40.58 -2.04 9.09
CA LYS A 284 -40.08 -0.87 8.36
C LYS A 284 -38.90 -1.24 7.45
N LYS A 285 -39.04 -2.39 6.79
CA LYS A 285 -38.00 -2.83 5.84
C LYS A 285 -38.22 -2.18 4.48
N ASP A 286 -39.40 -2.41 3.88
CA ASP A 286 -39.73 -1.73 2.64
C ASP A 286 -39.95 -0.25 2.88
N ALA A 287 -40.74 0.10 3.90
CA ALA A 287 -41.02 1.47 4.30
C ALA A 287 -41.55 2.26 3.10
N ASP A 288 -41.33 3.57 3.09
CA ASP A 288 -41.76 4.42 1.98
C ASP A 288 -40.69 4.57 0.91
N GLU A 289 -39.46 4.12 1.17
CA GLU A 289 -38.35 4.32 0.26
C GLU A 289 -38.56 3.59 -1.07
N ILE A 290 -38.95 2.32 -0.99
CA ILE A 290 -39.20 1.52 -2.19
C ILE A 290 -40.38 2.14 -2.94
N LYS A 291 -41.34 2.70 -2.19
CA LYS A 291 -42.41 3.46 -2.83
C LYS A 291 -41.88 4.71 -3.49
N ARG A 292 -40.87 5.35 -2.87
CA ARG A 292 -40.31 6.57 -3.43
C ARG A 292 -39.57 6.29 -4.73
N LEU A 293 -38.69 5.28 -4.74
CA LEU A 293 -37.93 4.97 -5.94
C LEU A 293 -38.84 4.45 -7.04
N GLY A 294 -39.94 3.81 -6.67
CA GLY A 294 -40.90 3.36 -7.66
C GLY A 294 -41.53 4.51 -8.43
N LYS A 295 -41.71 5.65 -7.75
CA LYS A 295 -42.24 6.82 -8.44
C LYS A 295 -41.31 7.28 -9.55
N ARG A 296 -40.00 7.29 -9.27
CA ARG A 296 -39.04 7.72 -10.29
C ARG A 296 -38.86 6.67 -11.37
N PHE A 297 -38.88 5.38 -10.99
CA PHE A 297 -38.60 4.33 -11.96
C PHE A 297 -39.63 4.33 -13.08
N LYS A 298 -40.91 4.48 -12.74
CA LYS A 298 -41.92 4.61 -13.78
C LYS A 298 -41.71 5.88 -14.61
N LYS A 299 -41.32 6.97 -13.95
CA LYS A 299 -41.11 8.22 -14.66
C LYS A 299 -39.94 8.12 -15.65
N LEU A 300 -38.84 7.50 -15.25
CA LEU A 300 -37.71 7.33 -16.17
C LEU A 300 -38.04 6.34 -17.28
N ASP A 301 -39.01 5.46 -17.08
CA ASP A 301 -39.38 4.47 -18.10
C ASP A 301 -40.39 5.14 -19.03
N LEU A 302 -39.87 5.74 -20.11
CA LEU A 302 -40.73 6.49 -21.02
C LEU A 302 -41.74 5.58 -21.70
N ASP A 303 -41.31 4.40 -22.12
CA ASP A 303 -42.19 3.49 -22.83
C ASP A 303 -43.07 2.66 -21.89
N ASN A 304 -42.88 2.79 -20.58
CA ASN A 304 -43.66 2.06 -19.58
C ASN A 304 -43.59 0.56 -19.81
N SER A 305 -42.39 0.07 -20.11
CA SER A 305 -42.15 -1.34 -20.33
C SER A 305 -41.77 -2.06 -19.04
N GLY A 306 -41.78 -1.36 -17.91
CA GLY A 306 -41.43 -1.95 -16.63
C GLY A 306 -39.94 -2.08 -16.38
N SER A 307 -39.11 -1.66 -17.33
CA SER A 307 -37.66 -1.80 -17.22
C SER A 307 -36.97 -0.65 -17.92
N LEU A 308 -35.79 -0.30 -17.42
CA LEU A 308 -35.04 0.88 -17.86
C LEU A 308 -34.00 0.47 -18.88
N SER A 309 -34.04 1.07 -20.06
CA SER A 309 -33.07 0.79 -21.11
C SER A 309 -31.94 1.81 -21.07
N VAL A 310 -30.86 1.50 -21.81
CA VAL A 310 -29.74 2.43 -21.90
C VAL A 310 -30.17 3.72 -22.56
N GLU A 311 -30.98 3.63 -23.63
CA GLU A 311 -31.45 4.82 -24.32
C GLU A 311 -32.25 5.72 -23.38
N GLU A 312 -33.06 5.13 -22.50
CA GLU A 312 -33.80 5.94 -21.54
C GLU A 312 -32.91 6.56 -20.47
N PHE A 313 -31.75 5.96 -20.18
CA PHE A 313 -30.81 6.60 -19.26
C PHE A 313 -30.10 7.77 -19.93
N MET A 314 -29.92 7.71 -21.24
CA MET A 314 -29.37 8.84 -21.99
C MET A 314 -30.33 10.01 -22.07
N SER A 315 -31.60 9.83 -21.69
CA SER A 315 -32.61 10.87 -21.82
C SER A 315 -32.43 12.01 -20.84
N LEU A 316 -31.60 11.84 -19.81
CA LEU A 316 -31.29 12.92 -18.89
C LEU A 316 -30.15 13.75 -19.48
N PRO A 317 -30.35 15.05 -19.71
CA PRO A 317 -29.25 15.85 -20.27
C PRO A 317 -27.98 15.82 -19.44
N GLU A 318 -28.11 15.69 -18.11
CA GLU A 318 -26.95 15.70 -17.23
C GLU A 318 -26.12 14.43 -17.31
N LEU A 319 -26.62 13.38 -17.95
CA LEU A 319 -25.87 12.13 -18.06
C LEU A 319 -25.25 11.93 -19.43
N GLN A 320 -25.58 12.76 -20.43
CA GLN A 320 -24.96 12.59 -21.75
C GLN A 320 -23.49 12.97 -21.75
N GLN A 321 -23.01 13.66 -20.71
CA GLN A 321 -21.61 14.05 -20.62
C GLN A 321 -20.86 13.30 -19.53
N ASN A 322 -21.50 12.34 -18.86
CA ASN A 322 -20.83 11.52 -17.87
C ASN A 322 -20.22 10.30 -18.55
N PRO A 323 -18.91 10.07 -18.43
CA PRO A 323 -18.28 8.98 -19.19
C PRO A 323 -18.52 7.59 -18.62
N LEU A 324 -19.04 7.48 -17.40
CA LEU A 324 -19.14 6.19 -16.72
C LEU A 324 -20.58 5.67 -16.65
N VAL A 325 -21.50 6.27 -17.39
CA VAL A 325 -22.89 5.82 -17.32
C VAL A 325 -23.02 4.42 -17.90
N GLN A 326 -22.30 4.14 -18.98
CA GLN A 326 -22.37 2.81 -19.59
C GLN A 326 -21.85 1.74 -18.63
N ARG A 327 -20.82 2.06 -17.84
CA ARG A 327 -20.31 1.09 -16.88
C ARG A 327 -21.31 0.83 -15.76
N VAL A 328 -21.87 1.89 -15.16
CA VAL A 328 -22.72 1.73 -13.99
C VAL A 328 -23.99 0.95 -14.35
N ILE A 329 -24.50 1.15 -15.56
CA ILE A 329 -25.65 0.39 -16.02
C ILE A 329 -25.34 -1.10 -16.07
N ASP A 330 -24.09 -1.45 -16.37
CA ASP A 330 -23.71 -2.86 -16.34
C ASP A 330 -23.79 -3.45 -14.94
N ILE A 331 -23.38 -2.71 -13.91
CA ILE A 331 -23.55 -3.21 -12.55
C ILE A 331 -25.02 -3.33 -12.20
N PHE A 332 -25.84 -2.35 -12.60
CA PHE A 332 -27.27 -2.41 -12.30
C PHE A 332 -27.92 -3.60 -12.99
N ASP A 333 -27.56 -3.86 -14.25
CA ASP A 333 -28.12 -4.98 -15.00
C ASP A 333 -27.42 -6.26 -14.57
N THR A 334 -28.02 -6.93 -13.57
CA THR A 334 -27.40 -8.09 -12.97
C THR A 334 -27.39 -9.31 -13.89
N ASP A 335 -28.48 -9.58 -14.60
CA ASP A 335 -28.59 -10.79 -15.42
C ASP A 335 -27.93 -10.65 -16.77
N GLY A 336 -27.49 -9.46 -17.15
CA GLY A 336 -26.81 -9.28 -18.42
C GLY A 336 -27.71 -9.33 -19.63
N ASN A 337 -29.00 -9.06 -19.49
CA ASN A 337 -29.91 -9.03 -20.61
C ASN A 337 -29.93 -7.68 -21.31
N GLY A 338 -29.15 -6.71 -20.84
CA GLY A 338 -29.02 -5.43 -21.49
C GLY A 338 -29.98 -4.36 -21.01
N GLU A 339 -30.88 -4.68 -20.09
CA GLU A 339 -31.87 -3.71 -19.62
C GLU A 339 -32.15 -3.96 -18.14
N VAL A 340 -32.54 -2.91 -17.44
CA VAL A 340 -32.64 -2.91 -15.98
C VAL A 340 -34.10 -2.84 -15.57
N ASP A 341 -34.54 -3.80 -14.75
CA ASP A 341 -35.90 -3.79 -14.21
C ASP A 341 -35.91 -3.12 -12.83
N PHE A 342 -37.04 -3.27 -12.13
CA PHE A 342 -37.22 -2.56 -10.86
C PHE A 342 -36.42 -3.20 -9.74
N LYS A 343 -36.39 -4.53 -9.67
CA LYS A 343 -35.64 -5.18 -8.60
C LYS A 343 -34.15 -4.90 -8.71
N GLU A 344 -33.63 -4.84 -9.94
CA GLU A 344 -32.23 -4.51 -10.14
C GLU A 344 -31.94 -3.06 -9.77
N PHE A 345 -32.89 -2.16 -10.06
CA PHE A 345 -32.73 -0.74 -9.74
C PHE A 345 -32.65 -0.52 -8.23
N ILE A 346 -33.49 -1.21 -7.47
CA ILE A 346 -33.51 -1.01 -6.02
C ILE A 346 -32.23 -1.53 -5.39
N GLU A 347 -31.71 -2.64 -5.90
CA GLU A 347 -30.48 -3.21 -5.33
C GLU A 347 -29.29 -2.27 -5.50
N GLY A 348 -29.16 -1.64 -6.67
CA GLY A 348 -28.02 -0.77 -6.89
C GLY A 348 -28.03 0.46 -6.00
N VAL A 349 -29.21 1.07 -5.82
CA VAL A 349 -29.32 2.26 -4.99
C VAL A 349 -28.99 1.95 -3.53
N SER A 350 -29.36 0.77 -3.05
CA SER A 350 -29.07 0.41 -1.67
C SER A 350 -27.58 0.43 -1.38
N GLN A 351 -26.76 0.13 -2.39
CA GLN A 351 -25.31 0.12 -2.22
C GLN A 351 -24.74 1.49 -1.94
N PHE A 352 -25.48 2.56 -2.19
CA PHE A 352 -24.99 3.92 -2.05
C PHE A 352 -25.60 4.64 -0.85
N SER A 353 -26.20 3.90 0.08
CA SER A 353 -26.84 4.50 1.23
C SER A 353 -25.81 5.07 2.20
N VAL A 354 -26.27 6.03 3.03
CA VAL A 354 -25.41 6.62 4.04
C VAL A 354 -24.94 5.60 5.05
N LYS A 355 -25.73 4.56 5.32
CA LYS A 355 -25.37 3.51 6.25
C LYS A 355 -24.58 2.40 5.58
N GLY A 356 -24.25 2.54 4.30
CA GLY A 356 -23.47 1.52 3.62
C GLY A 356 -22.10 1.34 4.24
N ASP A 357 -21.69 0.07 4.33
CA ASP A 357 -20.43 -0.28 4.95
C ASP A 357 -19.26 -0.05 3.98
N LYS A 358 -18.05 -0.07 4.54
CA LYS A 358 -16.85 0.17 3.73
C LYS A 358 -16.65 -0.90 2.68
N GLU A 359 -16.85 -2.17 3.03
CA GLU A 359 -16.44 -3.25 2.16
C GLU A 359 -17.29 -3.38 0.90
N GLN A 360 -18.48 -2.79 0.87
CA GLN A 360 -19.32 -3.00 -0.30
C GLN A 360 -19.19 -1.85 -1.28
N LYS A 361 -19.01 -0.62 -0.78
CA LYS A 361 -18.76 0.51 -1.66
C LYS A 361 -17.46 0.31 -2.43
N LEU A 362 -16.44 -0.27 -1.79
CA LEU A 362 -15.23 -0.61 -2.51
C LEU A 362 -15.49 -1.69 -3.56
N ARG A 363 -16.53 -2.51 -3.38
CA ARG A 363 -16.87 -3.50 -4.38
C ARG A 363 -17.55 -2.89 -5.60
N PHE A 364 -18.37 -1.86 -5.42
CA PHE A 364 -18.93 -1.19 -6.58
C PHE A 364 -17.86 -0.52 -7.41
N ALA A 365 -16.91 0.16 -6.75
CA ALA A 365 -15.79 0.73 -7.48
C ALA A 365 -14.98 -0.34 -8.18
N PHE A 366 -14.85 -1.51 -7.54
CA PHE A 366 -14.17 -2.62 -8.18
C PHE A 366 -14.89 -3.10 -9.43
N ARG A 367 -16.22 -3.13 -9.40
CA ARG A 367 -17.00 -3.60 -10.54
C ARG A 367 -16.98 -2.63 -11.71
N ILE A 368 -16.58 -1.37 -11.48
CA ILE A 368 -16.46 -0.43 -12.59
C ILE A 368 -15.39 -0.90 -13.57
N TYR A 369 -14.23 -1.28 -13.05
CA TYR A 369 -13.13 -1.73 -13.91
C TYR A 369 -13.36 -3.14 -14.43
N ASP A 370 -13.95 -4.01 -13.62
CA ASP A 370 -14.20 -5.40 -13.98
C ASP A 370 -15.36 -5.45 -14.98
N MET A 371 -15.01 -5.49 -16.27
CA MET A 371 -16.02 -5.33 -17.30
C MET A 371 -16.86 -6.58 -17.48
N ASP A 372 -16.23 -7.76 -17.46
CA ASP A 372 -16.92 -9.01 -17.77
C ASP A 372 -17.49 -9.67 -16.51
N LYS A 373 -17.40 -9.02 -15.36
CA LYS A 373 -17.96 -9.52 -14.11
C LYS A 373 -17.42 -10.90 -13.74
N ASP A 374 -16.15 -11.15 -14.06
CA ASP A 374 -15.50 -12.39 -13.69
C ASP A 374 -14.77 -12.28 -12.36
N GLY A 375 -14.89 -11.16 -11.67
CA GLY A 375 -14.28 -10.95 -10.38
C GLY A 375 -12.84 -10.50 -10.40
N TYR A 376 -12.23 -10.39 -11.57
CA TYR A 376 -10.81 -10.07 -11.69
C TYR A 376 -10.63 -8.98 -12.74
N ILE A 377 -9.79 -7.99 -12.43
CA ILE A 377 -9.46 -6.94 -13.38
C ILE A 377 -8.25 -7.37 -14.19
N SER A 378 -8.38 -7.34 -15.51
CA SER A 378 -7.31 -7.77 -16.39
C SER A 378 -6.59 -6.57 -16.98
N ASN A 379 -5.44 -6.84 -17.61
CA ASN A 379 -4.61 -5.79 -18.16
C ASN A 379 -5.34 -5.00 -19.24
N GLY A 380 -6.04 -5.71 -20.14
CA GLY A 380 -6.71 -5.02 -21.23
C GLY A 380 -8.01 -4.37 -20.80
N GLU A 381 -8.65 -4.91 -19.77
CA GLU A 381 -9.90 -4.32 -19.28
C GLU A 381 -9.64 -3.07 -18.45
N LEU A 382 -8.53 -3.03 -17.70
CA LEU A 382 -8.18 -1.82 -16.97
C LEU A 382 -7.81 -0.70 -17.93
N PHE A 383 -7.24 -1.03 -19.08
CA PHE A 383 -6.88 -0.02 -20.06
C PHE A 383 -8.12 0.55 -20.75
N GLN A 384 -9.08 -0.30 -21.12
CA GLN A 384 -10.25 0.18 -21.85
C GLN A 384 -11.12 1.05 -20.97
N VAL A 385 -11.25 0.71 -19.69
CA VAL A 385 -12.00 1.54 -18.77
C VAL A 385 -11.36 2.92 -18.64
N LEU A 386 -10.04 2.96 -18.45
CA LEU A 386 -9.33 4.22 -18.28
C LEU A 386 -9.37 5.06 -19.54
N LYS A 387 -9.29 4.43 -20.72
CA LYS A 387 -9.34 5.17 -21.97
C LYS A 387 -10.61 5.99 -22.10
N MET A 388 -11.71 5.55 -21.50
CA MET A 388 -12.95 6.33 -21.52
C MET A 388 -12.82 7.61 -20.71
N MET A 389 -12.37 7.51 -19.47
CA MET A 389 -12.30 8.66 -18.58
C MET A 389 -11.15 9.60 -18.92
N VAL A 390 -9.98 9.05 -19.26
CA VAL A 390 -8.84 9.88 -19.61
C VAL A 390 -9.15 10.71 -20.85
N GLY A 391 -9.76 10.11 -21.86
CA GLY A 391 -10.00 10.83 -23.09
C GLY A 391 -8.72 10.94 -23.89
N ASN A 392 -8.50 12.09 -24.52
CA ASN A 392 -7.32 12.31 -25.34
C ASN A 392 -6.21 13.01 -24.58
N ASN A 393 -6.33 13.10 -23.26
CA ASN A 393 -5.34 13.79 -22.45
C ASN A 393 -4.03 13.01 -22.36
N LEU A 394 -4.07 11.72 -22.69
CA LEU A 394 -2.87 10.89 -22.73
C LEU A 394 -2.85 10.10 -24.02
N LYS A 395 -1.65 9.66 -24.40
CA LYS A 395 -1.49 8.79 -25.56
C LYS A 395 -1.93 7.37 -25.23
N ASP A 396 -2.04 6.56 -26.28
CA ASP A 396 -2.34 5.15 -26.07
C ASP A 396 -1.16 4.42 -25.44
N THR A 397 0.06 4.86 -25.74
CA THR A 397 1.23 4.24 -25.13
C THR A 397 1.38 4.65 -23.67
N GLN A 398 1.22 5.94 -23.37
CA GLN A 398 1.44 6.42 -22.01
C GLN A 398 0.43 5.83 -21.04
N LEU A 399 -0.85 5.80 -21.42
CA LEU A 399 -1.86 5.19 -20.57
C LEU A 399 -1.59 3.71 -20.39
N GLN A 400 -1.12 3.04 -21.44
CA GLN A 400 -0.76 1.63 -21.31
C GLN A 400 0.39 1.43 -20.33
N GLN A 401 1.41 2.29 -20.40
CA GLN A 401 2.63 2.05 -19.62
C GLN A 401 2.35 2.07 -18.12
N ILE A 402 1.51 2.99 -17.65
CA ILE A 402 1.18 3.00 -16.23
C ILE A 402 0.28 1.84 -15.84
N VAL A 403 -0.44 1.25 -16.80
CA VAL A 403 -1.31 0.13 -16.49
C VAL A 403 -0.49 -1.11 -16.15
N ASP A 404 0.55 -1.39 -16.93
CA ASP A 404 1.42 -2.51 -16.61
C ASP A 404 2.07 -2.32 -15.25
N LYS A 405 2.53 -1.10 -14.97
CA LYS A 405 3.15 -0.84 -13.68
C LYS A 405 2.16 -0.96 -12.53
N THR A 406 0.92 -0.50 -12.72
CA THR A 406 -0.08 -0.65 -11.68
C THR A 406 -0.40 -2.11 -11.43
N ILE A 407 -0.54 -2.89 -12.50
CA ILE A 407 -0.83 -4.32 -12.35
C ILE A 407 0.31 -5.00 -11.61
N ILE A 408 1.56 -4.73 -12.03
CA ILE A 408 2.71 -5.45 -11.48
C ILE A 408 2.87 -5.15 -9.99
N ASN A 409 2.74 -3.89 -9.60
CA ASN A 409 2.96 -3.54 -8.20
C ASN A 409 1.82 -4.01 -7.30
N ALA A 410 0.59 -4.06 -7.83
CA ALA A 410 -0.57 -4.47 -7.04
C ALA A 410 -0.86 -5.96 -7.14
N ASP A 411 -0.24 -6.67 -8.06
CA ASP A 411 -0.45 -8.11 -8.20
C ASP A 411 0.40 -8.87 -7.17
N LYS A 412 -0.21 -9.22 -6.03
CA LYS A 412 0.51 -9.98 -5.02
C LYS A 412 0.54 -11.48 -5.30
N ASP A 413 -0.16 -11.95 -6.32
CA ASP A 413 -0.18 -13.36 -6.66
C ASP A 413 0.59 -13.70 -7.93
N GLY A 414 0.96 -12.71 -8.73
CA GLY A 414 1.72 -12.97 -9.94
C GLY A 414 0.93 -13.62 -11.05
N ASP A 415 -0.40 -13.51 -11.03
CA ASP A 415 -1.25 -14.08 -12.08
C ASP A 415 -1.57 -13.09 -13.18
N GLY A 416 -1.01 -11.89 -13.16
CA GLY A 416 -1.22 -10.92 -14.22
C GLY A 416 -2.56 -10.22 -14.19
N ARG A 417 -3.30 -10.30 -13.09
CA ARG A 417 -4.62 -9.69 -12.99
C ARG A 417 -4.92 -9.40 -11.53
N ILE A 418 -5.87 -8.50 -11.29
CA ILE A 418 -6.13 -7.96 -9.95
C ILE A 418 -7.45 -8.51 -9.44
N SER A 419 -7.43 -9.03 -8.22
CA SER A 419 -8.64 -9.47 -7.52
C SER A 419 -9.08 -8.39 -6.54
N PHE A 420 -10.21 -8.63 -5.87
CA PHE A 420 -10.73 -7.62 -4.94
C PHE A 420 -9.87 -7.51 -3.69
N GLU A 421 -9.19 -8.59 -3.31
CA GLU A 421 -8.30 -8.51 -2.15
C GLU A 421 -7.08 -7.65 -2.46
N GLU A 422 -6.54 -7.77 -3.67
CA GLU A 422 -5.43 -6.90 -4.07
C GLU A 422 -5.90 -5.47 -4.29
N PHE A 423 -7.15 -5.29 -4.73
CA PHE A 423 -7.71 -3.96 -4.90
C PHE A 423 -7.85 -3.25 -3.55
N CYS A 424 -8.12 -4.01 -2.48
CA CYS A 424 -8.15 -3.42 -1.15
C CYS A 424 -6.80 -2.87 -0.73
N ALA A 425 -5.72 -3.62 -0.97
CA ALA A 425 -4.41 -3.22 -0.45
C ALA A 425 -3.95 -1.91 -1.05
N VAL A 426 -4.52 -1.53 -2.20
CA VAL A 426 -4.12 -0.30 -2.86
C VAL A 426 -4.92 0.89 -2.33
N VAL A 427 -6.24 0.74 -2.24
CA VAL A 427 -7.12 1.88 -1.96
C VAL A 427 -7.77 1.79 -0.59
N GLY A 428 -7.20 1.02 0.33
CA GLY A 428 -7.81 0.87 1.65
C GLY A 428 -7.89 2.16 2.43
N GLY A 429 -6.82 2.96 2.42
CA GLY A 429 -6.75 4.19 3.18
C GLY A 429 -7.09 5.45 2.41
N LEU A 430 -7.62 5.34 1.20
CA LEU A 430 -7.92 6.51 0.39
C LEU A 430 -9.21 7.21 0.82
N ASP A 431 -10.05 6.55 1.62
CA ASP A 431 -11.29 7.15 2.12
C ASP A 431 -12.22 7.56 0.99
N ILE A 432 -12.17 6.85 -0.13
CA ILE A 432 -13.06 7.16 -1.25
C ILE A 432 -14.50 6.78 -0.95
N HIS A 433 -14.72 5.78 -0.10
CA HIS A 433 -16.07 5.33 0.21
C HIS A 433 -16.90 6.43 0.86
N LYS A 434 -16.26 7.39 1.51
CA LYS A 434 -16.99 8.48 2.13
C LYS A 434 -17.55 9.47 1.12
N LYS A 435 -17.19 9.37 -0.15
CA LYS A 435 -17.74 10.23 -1.18
C LYS A 435 -18.91 9.61 -1.92
N MET A 436 -19.00 8.28 -1.98
CA MET A 436 -20.08 7.58 -2.66
C MET A 436 -21.31 7.56 -1.75
N VAL A 437 -21.96 8.71 -1.66
CA VAL A 437 -23.08 8.92 -0.75
C VAL A 437 -24.23 9.58 -1.51
N VAL A 438 -25.42 9.01 -1.32
CA VAL A 438 -26.66 9.65 -1.75
C VAL A 438 -27.63 9.62 -0.57
N ASP A 439 -28.84 10.15 -0.75
CA ASP A 439 -29.77 10.27 0.37
C ASP A 439 -30.79 9.15 0.28
N VAL A 440 -30.41 7.95 0.76
CA VAL A 440 -31.29 6.79 0.83
C VAL A 440 -30.96 5.99 2.08
N ASP A 441 -31.64 4.85 2.25
CA ASP A 441 -31.40 3.96 3.38
C ASP A 441 -31.65 2.51 2.99
N HIS A 442 -31.86 1.65 3.99
CA HIS A 442 -32.21 0.23 3.81
C HIS A 442 -31.23 -0.49 2.90
N LEU A 443 -30.00 -0.63 3.41
CA LEU A 443 -28.92 -1.31 2.70
C LEU A 443 -29.27 -2.76 2.40
N LYS A 444 -30.05 -3.40 3.28
CA LYS A 444 -30.49 -4.80 3.17
C LYS A 444 -29.35 -5.75 2.81
N GLN A 445 -28.15 -5.51 3.37
CA GLN A 445 -27.00 -6.38 3.13
C GLN A 445 -26.67 -7.25 4.33
N ARG A 446 -27.47 -7.19 5.38
CA ARG A 446 -27.19 -7.88 6.63
C ARG A 446 -27.43 -9.38 6.53
N ARG A 447 -27.67 -9.88 5.32
CA ARG A 447 -27.92 -11.31 5.09
C ARG A 447 -26.63 -12.13 5.10
N GLU A 448 -25.64 -11.74 4.29
CA GLU A 448 -24.45 -12.57 4.13
C GLU A 448 -23.58 -12.57 5.39
N VAL A 449 -23.41 -11.41 6.02
CA VAL A 449 -22.50 -11.33 7.16
C VAL A 449 -23.09 -12.04 8.37
N ALA A 450 -24.39 -11.92 8.59
CA ALA A 450 -25.05 -12.55 9.73
C ALA A 450 -25.32 -14.03 9.53
N LYS A 451 -25.24 -14.53 8.30
CA LYS A 451 -25.38 -15.97 8.10
C LYS A 451 -24.25 -16.73 8.78
N THR A 452 -23.02 -16.23 8.69
CA THR A 452 -21.90 -16.90 9.33
C THR A 452 -22.06 -16.93 10.85
N VAL A 453 -22.48 -15.81 11.44
CA VAL A 453 -22.62 -15.76 12.89
C VAL A 453 -23.68 -16.75 13.37
N PHE A 454 -24.81 -16.81 12.67
CA PHE A 454 -25.83 -17.77 13.03
C PHE A 454 -25.43 -19.19 12.63
N CYS A 455 -24.57 -19.34 11.62
CA CYS A 455 -24.09 -20.66 11.26
C CYS A 455 -23.03 -21.16 12.23
N LEU A 456 -22.14 -20.28 12.70
CA LEU A 456 -21.17 -20.70 13.70
C LEU A 456 -21.84 -21.11 15.00
N VAL A 457 -22.89 -20.39 15.40
CA VAL A 457 -23.69 -20.82 16.54
C VAL A 457 -24.44 -22.10 16.21
N LEU A 458 -24.88 -22.25 14.96
CA LEU A 458 -25.54 -23.49 14.54
C LEU A 458 -24.59 -24.67 14.63
N VAL A 459 -23.34 -24.50 14.19
CA VAL A 459 -22.37 -25.59 14.27
C VAL A 459 -22.10 -25.95 15.73
N PHE A 460 -21.92 -24.93 16.58
CA PHE A 460 -21.65 -25.18 18.00
C PHE A 460 -22.81 -25.93 18.66
N ALA A 461 -24.04 -25.54 18.35
CA ALA A 461 -25.20 -26.15 18.99
C ALA A 461 -25.32 -27.63 18.62
N LEU A 462 -25.07 -27.97 17.35
CA LEU A 462 -25.24 -29.35 16.91
C LEU A 462 -24.04 -30.23 17.24
N CYS A 463 -22.97 -29.66 17.79
CA CYS A 463 -21.84 -30.48 18.21
C CYS A 463 -21.85 -30.76 19.70
N TRP A 464 -22.23 -29.78 20.51
CA TRP A 464 -22.27 -29.96 21.96
C TRP A 464 -23.63 -30.41 22.47
N LEU A 465 -24.63 -30.51 21.60
CA LEU A 465 -25.93 -31.02 22.04
C LEU A 465 -25.90 -32.48 22.48
N PRO A 466 -25.32 -33.42 21.72
CA PRO A 466 -25.35 -34.82 22.19
C PRO A 466 -24.67 -35.03 23.53
N LEU A 467 -23.57 -34.32 23.80
CA LEU A 467 -22.83 -34.55 25.03
C LEU A 467 -23.65 -34.15 26.25
N HIS A 468 -24.29 -32.97 26.21
CA HIS A 468 -25.12 -32.57 27.33
C HIS A 468 -26.36 -33.42 27.45
N LEU A 469 -26.83 -33.98 26.34
CA LEU A 469 -28.03 -34.81 26.38
C LEU A 469 -27.78 -36.14 27.09
N ALA A 470 -26.56 -36.68 26.98
CA ALA A 470 -26.23 -37.93 27.66
C ALA A 470 -26.23 -37.74 29.18
N ARG A 471 -25.65 -36.64 29.67
CA ARG A 471 -25.62 -36.42 31.10
C ARG A 471 -27.02 -36.24 31.69
N ILE A 472 -27.90 -35.53 30.98
CA ILE A 472 -29.27 -35.35 31.46
C ILE A 472 -29.99 -36.69 31.52
N LEU A 473 -29.76 -37.55 30.53
CA LEU A 473 -30.37 -38.88 30.54
C LEU A 473 -29.95 -39.66 31.78
N LYS A 474 -28.69 -39.53 32.19
CA LYS A 474 -28.24 -40.20 33.42
C LYS A 474 -28.98 -39.67 34.63
N LEU A 475 -29.22 -38.36 34.69
CA LEU A 475 -29.75 -37.74 35.90
C LEU A 475 -31.21 -38.13 36.13
N THR A 476 -32.00 -38.22 35.07
CA THR A 476 -33.44 -38.37 35.22
C THR A 476 -33.90 -39.82 35.09
N LEU A 477 -33.53 -40.51 34.02
CA LEU A 477 -34.12 -41.80 33.69
C LEU A 477 -33.34 -43.00 34.24
N TYR A 478 -32.07 -42.84 34.60
CA TYR A 478 -31.28 -43.98 35.02
C TYR A 478 -31.52 -44.31 36.49
N ASN A 479 -31.81 -45.58 36.76
CA ASN A 479 -31.92 -46.10 38.11
C ASN A 479 -31.40 -47.54 38.12
N GLN A 480 -30.44 -47.81 39.02
CA GLN A 480 -29.85 -49.14 39.07
C GLN A 480 -30.79 -50.18 39.67
N ASN A 481 -31.83 -49.73 40.39
CA ASN A 481 -32.78 -50.66 40.98
C ASN A 481 -33.63 -51.37 39.93
N ASP A 482 -33.69 -50.85 38.71
CA ASP A 482 -34.49 -51.47 37.67
C ASP A 482 -33.89 -52.82 37.29
N PRO A 483 -34.71 -53.82 36.96
CA PRO A 483 -34.15 -55.13 36.60
C PRO A 483 -33.29 -55.10 35.35
N ASN A 484 -33.79 -54.52 34.26
CA ASN A 484 -33.05 -54.45 33.01
C ASN A 484 -32.21 -53.17 32.95
N ARG A 485 -31.38 -53.00 33.99
CA ARG A 485 -30.55 -51.80 34.09
C ARG A 485 -29.46 -51.79 33.02
N CYS A 486 -28.92 -52.97 32.69
CA CYS A 486 -27.80 -53.04 31.75
C CYS A 486 -28.18 -52.52 30.36
N GLU A 487 -29.39 -52.84 29.88
CA GLU A 487 -29.77 -52.43 28.54
C GLU A 487 -29.85 -50.92 28.42
N LEU A 488 -30.40 -50.24 29.45
CA LEU A 488 -30.50 -48.78 29.40
C LEU A 488 -29.13 -48.12 29.39
N LEU A 489 -28.20 -48.63 30.22
CA LEU A 489 -26.86 -48.07 30.24
C LEU A 489 -26.14 -48.32 28.93
N SER A 490 -26.51 -49.39 28.22
CA SER A 490 -25.87 -49.72 26.95
C SER A 490 -26.06 -48.60 25.92
N PHE A 491 -27.29 -48.11 25.79
CA PHE A 491 -27.54 -47.02 24.85
C PHE A 491 -26.86 -45.74 25.30
N LEU A 492 -26.86 -45.48 26.61
CA LEU A 492 -26.32 -44.23 27.13
C LEU A 492 -24.82 -44.13 26.91
N LEU A 493 -24.09 -45.23 27.15
CA LEU A 493 -22.64 -45.18 27.07
C LEU A 493 -22.16 -45.11 25.62
N VAL A 494 -22.94 -45.66 24.69
CA VAL A 494 -22.62 -45.49 23.27
C VAL A 494 -22.81 -44.03 22.86
N LEU A 495 -23.89 -43.40 23.32
CA LEU A 495 -24.13 -42.01 22.98
C LEU A 495 -23.15 -41.08 23.69
N ASP A 496 -22.78 -41.42 24.93
CA ASP A 496 -21.83 -40.60 25.68
C ASP A 496 -20.49 -40.50 24.96
N TYR A 497 -20.00 -41.64 24.46
CA TYR A 497 -18.76 -41.62 23.69
C TYR A 497 -18.93 -40.85 22.39
N ILE A 498 -20.10 -40.97 21.75
CA ILE A 498 -20.38 -40.18 20.56
C ILE A 498 -20.43 -38.70 20.90
N GLY A 499 -21.08 -38.35 22.01
CA GLY A 499 -21.18 -36.96 22.40
C GLY A 499 -19.82 -36.31 22.64
N ILE A 500 -18.87 -37.08 23.18
CA ILE A 500 -17.51 -36.57 23.35
C ILE A 500 -16.86 -36.34 22.00
N ASN A 501 -17.05 -37.28 21.06
CA ASN A 501 -16.42 -37.16 19.75
C ASN A 501 -16.96 -35.96 18.98
N MET A 502 -18.26 -35.72 19.05
CA MET A 502 -18.82 -34.56 18.36
C MET A 502 -18.41 -33.26 19.03
N ALA A 503 -18.29 -33.26 20.36
CA ALA A 503 -17.84 -32.07 21.05
C ALA A 503 -16.43 -31.68 20.64
N SER A 504 -15.56 -32.65 20.38
CA SER A 504 -14.23 -32.33 19.88
C SER A 504 -14.28 -31.83 18.45
N LEU A 505 -15.29 -32.22 17.68
CA LEU A 505 -15.37 -31.81 16.28
C LEU A 505 -15.56 -30.31 16.13
N ASN A 506 -16.13 -29.63 17.13
CA ASN A 506 -16.34 -28.20 17.03
C ASN A 506 -15.03 -27.42 17.01
N SER A 507 -13.95 -28.00 17.51
CA SER A 507 -12.66 -27.34 17.46
C SER A 507 -12.07 -27.33 16.06
N CYS A 508 -12.55 -28.17 15.16
CA CYS A 508 -12.08 -28.22 13.78
C CYS A 508 -13.18 -27.94 12.77
N ALA A 509 -14.31 -27.39 13.20
CA ALA A 509 -15.45 -27.20 12.33
C ALA A 509 -15.69 -25.76 11.92
N ASN A 510 -15.31 -24.79 12.77
CA ASN A 510 -15.58 -23.40 12.43
C ASN A 510 -14.94 -22.96 11.13
N PRO A 511 -13.66 -23.24 10.84
CA PRO A 511 -13.14 -22.91 9.50
C PRO A 511 -13.86 -23.64 8.38
N ILE A 512 -14.30 -24.88 8.63
CA ILE A 512 -14.98 -25.65 7.60
C ILE A 512 -16.30 -24.99 7.22
N ALA A 513 -17.06 -24.54 8.22
CA ALA A 513 -18.34 -23.87 7.94
C ALA A 513 -18.14 -22.55 7.21
N LEU A 514 -17.13 -21.76 7.59
CA LEU A 514 -16.90 -20.48 6.95
C LEU A 514 -16.57 -20.66 5.47
N TYR A 515 -15.72 -21.64 5.16
CA TYR A 515 -15.32 -21.88 3.78
C TYR A 515 -16.53 -22.28 2.93
N LEU A 516 -17.52 -22.92 3.53
CA LEU A 516 -18.68 -23.40 2.78
C LEU A 516 -19.85 -22.44 2.79
N VAL A 517 -19.90 -21.48 3.72
CA VAL A 517 -21.06 -20.61 3.83
C VAL A 517 -20.81 -19.28 3.15
N SER A 518 -19.73 -18.60 3.51
CA SER A 518 -19.48 -17.23 3.10
C SER A 518 -18.64 -17.20 1.82
N LYS A 519 -19.09 -16.42 0.85
CA LYS A 519 -18.32 -16.25 -0.38
C LYS A 519 -17.00 -15.55 -0.10
N ARG A 520 -17.02 -14.54 0.77
CA ARG A 520 -15.82 -13.75 1.03
C ARG A 520 -14.69 -14.60 1.60
N PHE A 521 -14.99 -15.47 2.56
CA PHE A 521 -14.00 -16.41 3.07
C PHE A 521 -13.66 -17.48 2.06
N LYS A 522 -14.63 -17.88 1.23
CA LYS A 522 -14.38 -18.93 0.24
C LYS A 522 -13.32 -18.51 -0.78
N ASN A 523 -13.43 -17.28 -1.29
CA ASN A 523 -12.44 -16.81 -2.26
C ASN A 523 -11.06 -16.69 -1.62
N ALA A 524 -11.00 -16.19 -0.39
CA ALA A 524 -9.72 -16.05 0.30
C ALA A 524 -9.08 -17.41 0.58
N PHE A 525 -9.90 -18.41 0.93
CA PHE A 525 -9.36 -19.74 1.17
C PHE A 525 -8.81 -20.36 -0.11
N LYS A 526 -9.49 -20.16 -1.24
CA LYS A 526 -9.02 -20.70 -2.50
C LYS A 526 -7.65 -20.16 -2.86
N SER A 527 -7.45 -18.85 -2.71
CA SER A 527 -6.17 -18.24 -3.04
C SER A 527 -5.09 -18.67 -2.06
N ALA A 528 -5.43 -18.78 -0.77
CA ALA A 528 -4.43 -19.04 0.25
C ALA A 528 -3.88 -20.45 0.19
N LEU A 529 -4.73 -21.46 -0.01
CA LEU A 529 -4.32 -22.85 0.06
C LEU A 529 -4.12 -23.47 -1.31
N CYS A 530 -5.15 -23.44 -2.17
CA CYS A 530 -5.07 -24.12 -3.45
C CYS A 530 -4.09 -23.44 -4.41
N CYS A 531 -3.98 -22.12 -4.34
CA CYS A 531 -3.12 -21.36 -5.24
C CYS A 531 -1.71 -21.19 -4.71
N TRP A 532 -1.44 -21.65 -3.49
CA TRP A 532 -0.10 -21.53 -2.91
C TRP A 532 0.87 -22.50 -3.58
N PRO A 557 8.80 -6.35 -16.86
CA PRO A 557 8.37 -7.62 -16.26
C PRO A 557 8.29 -7.53 -14.75
N SER A 558 7.37 -8.30 -14.16
CA SER A 558 7.19 -8.30 -12.72
C SER A 558 8.31 -9.03 -11.97
N HIS A 559 9.18 -9.73 -12.69
CA HIS A 559 10.22 -10.52 -12.04
C HIS A 559 11.33 -9.62 -11.51
N ARG A 560 11.56 -9.66 -10.20
CA ARG A 560 12.67 -8.97 -9.59
C ARG A 560 13.93 -9.81 -9.75
N LEU A 561 14.99 -9.19 -10.28
CA LEU A 561 16.23 -9.92 -10.50
C LEU A 561 16.78 -10.43 -9.17
N THR A 562 17.32 -11.65 -9.20
CA THR A 562 17.81 -12.33 -8.02
C THR A 562 19.34 -12.19 -7.93
N ALA A 563 19.86 -12.31 -6.71
CA ALA A 563 21.28 -12.06 -6.46
C ALA A 563 22.17 -12.95 -7.33
N LYS A 564 21.74 -14.19 -7.57
CA LYS A 564 22.52 -15.10 -8.40
C LYS A 564 22.67 -14.60 -9.82
N GLU A 565 21.77 -13.75 -10.29
CA GLU A 565 21.78 -13.32 -11.69
C GLU A 565 22.56 -12.03 -11.91
N VAL A 566 22.40 -11.04 -11.04
CA VAL A 566 23.14 -9.79 -11.21
C VAL A 566 24.63 -9.97 -10.95
N PHE A 567 25.02 -10.73 -9.93
CA PHE A 567 26.42 -11.02 -9.64
C PHE A 567 26.83 -12.32 -10.32
N ASP A 568 28.07 -12.35 -10.80
CA ASP A 568 28.66 -13.60 -11.26
C ASP A 568 29.31 -14.32 -10.08
N ASN A 569 30.07 -15.37 -10.39
CA ASN A 569 30.71 -16.16 -9.34
C ASN A 569 31.81 -15.39 -8.62
N ASP A 570 32.35 -14.35 -9.24
CA ASP A 570 33.43 -13.57 -8.63
C ASP A 570 32.94 -12.36 -7.85
N GLY A 571 31.62 -12.12 -7.81
CA GLY A 571 31.09 -10.97 -7.11
C GLY A 571 31.08 -9.68 -7.90
N LYS A 572 31.47 -9.71 -9.18
CA LYS A 572 31.45 -8.52 -10.01
C LYS A 572 30.14 -8.41 -10.77
N PRO A 573 29.36 -7.36 -10.52
CA PRO A 573 28.06 -7.23 -11.21
C PRO A 573 28.25 -7.15 -12.72
N ARG A 574 27.28 -7.71 -13.44
CA ARG A 574 27.29 -7.72 -14.90
C ARG A 574 26.40 -6.59 -15.39
N VAL A 575 27.02 -5.61 -16.06
CA VAL A 575 26.32 -4.39 -16.44
C VAL A 575 25.27 -4.62 -17.52
N ASP A 576 25.53 -5.51 -18.48
CA ASP A 576 24.58 -5.72 -19.56
C ASP A 576 23.24 -6.23 -19.03
N ILE A 577 23.27 -7.20 -18.13
CA ILE A 577 22.03 -7.73 -17.55
C ILE A 577 21.33 -6.65 -16.74
N LEU A 578 22.06 -5.94 -15.90
CA LEU A 578 21.45 -4.94 -15.03
C LEU A 578 20.90 -3.77 -15.85
N LYS A 579 21.63 -3.37 -16.89
CA LYS A 579 21.16 -2.26 -17.72
C LYS A 579 19.88 -2.61 -18.46
N ALA A 580 19.84 -3.79 -19.09
CA ALA A 580 18.68 -4.17 -19.88
C ALA A 580 17.44 -4.31 -19.01
N HIS A 581 17.57 -4.95 -17.85
CA HIS A 581 16.42 -5.13 -16.97
C HIS A 581 15.91 -3.80 -16.43
N LEU A 582 16.82 -2.93 -15.99
CA LEU A 582 16.40 -1.63 -15.47
C LEU A 582 15.76 -0.77 -16.56
N MET A 583 16.30 -0.82 -17.78
CA MET A 583 15.76 -0.04 -18.87
C MET A 583 14.33 -0.44 -19.23
N LYS A 584 13.93 -1.67 -18.90
CA LYS A 584 12.57 -2.14 -19.16
C LYS A 584 11.68 -2.05 -17.93
N GLU A 585 11.87 -1.03 -17.09
CA GLU A 585 11.10 -0.83 -15.87
C GLU A 585 11.33 -1.91 -14.83
N GLY A 586 12.29 -2.80 -15.05
CA GLY A 586 12.52 -3.88 -14.11
C GLY A 586 13.09 -3.37 -12.80
N ARG A 587 12.96 -4.19 -11.77
CA ARG A 587 13.46 -3.87 -10.45
C ARG A 587 14.37 -5.00 -9.97
N LEU A 588 14.98 -4.78 -8.81
CA LEU A 588 15.83 -5.79 -8.18
C LEU A 588 15.22 -6.22 -6.85
N GLU A 589 15.76 -7.31 -6.32
CA GLU A 589 15.33 -7.80 -5.02
C GLU A 589 15.66 -6.78 -3.94
N GLU A 590 14.89 -6.82 -2.85
CA GLU A 590 15.12 -5.88 -1.76
C GLU A 590 16.51 -6.03 -1.17
N THR A 591 16.97 -7.29 -1.02
CA THR A 591 18.30 -7.53 -0.48
C THR A 591 19.38 -7.07 -1.46
N VAL A 592 19.22 -7.38 -2.74
CA VAL A 592 20.24 -7.05 -3.73
C VAL A 592 20.37 -5.54 -3.88
N ALA A 593 19.25 -4.82 -3.79
CA ALA A 593 19.30 -3.36 -3.82
C ALA A 593 20.15 -2.83 -2.68
N LEU A 594 19.97 -3.39 -1.48
CA LEU A 594 20.83 -3.03 -0.36
C LEU A 594 22.27 -3.42 -0.62
N ARG A 595 22.49 -4.59 -1.25
CA ARG A 595 23.84 -5.06 -1.46
C ARG A 595 24.64 -4.13 -2.37
N ILE A 596 24.01 -3.65 -3.45
CA ILE A 596 24.70 -2.74 -4.36
C ILE A 596 25.05 -1.45 -3.64
N ILE A 597 24.11 -0.89 -2.89
CA ILE A 597 24.35 0.39 -2.22
C ILE A 597 25.44 0.26 -1.17
N THR A 598 25.38 -0.80 -0.37
CA THR A 598 26.33 -0.96 0.72
C THR A 598 27.71 -1.33 0.20
N GLU A 599 27.79 -2.26 -0.74
CA GLU A 599 29.09 -2.67 -1.26
C GLU A 599 29.80 -1.52 -1.96
N GLY A 600 29.07 -0.74 -2.75
CA GLY A 600 29.67 0.41 -3.40
C GLY A 600 30.08 1.50 -2.42
N ALA A 601 29.27 1.70 -1.37
CA ALA A 601 29.57 2.76 -0.41
C ALA A 601 30.89 2.52 0.29
N SER A 602 31.26 1.26 0.49
CA SER A 602 32.55 0.95 1.10
C SER A 602 33.70 1.44 0.23
N ILE A 603 33.59 1.28 -1.09
CA ILE A 603 34.62 1.75 -1.99
C ILE A 603 34.74 3.27 -1.91
N LEU A 604 33.62 3.96 -1.77
CA LEU A 604 33.65 5.40 -1.56
C LEU A 604 34.29 5.77 -0.23
N ARG A 605 34.15 4.90 0.78
CA ARG A 605 34.63 5.24 2.11
C ARG A 605 36.15 5.33 2.17
N GLN A 606 36.85 4.56 1.34
CA GLN A 606 38.31 4.55 1.39
C GLN A 606 38.95 5.69 0.61
N GLU A 607 38.18 6.42 -0.20
CA GLU A 607 38.78 7.36 -1.14
C GLU A 607 38.75 8.76 -0.56
N LYS A 608 39.81 9.53 -0.84
CA LYS A 608 40.08 10.78 -0.16
C LYS A 608 39.04 11.85 -0.50
N ASN A 609 39.06 12.92 0.30
CA ASN A 609 38.16 14.05 0.04
C ASN A 609 38.50 14.72 -1.29
N LEU A 610 39.79 14.89 -1.57
CA LEU A 610 40.24 15.55 -2.79
C LEU A 610 40.84 14.48 -3.70
N LEU A 611 40.16 14.21 -4.80
CA LEU A 611 40.56 13.14 -5.72
C LEU A 611 41.70 13.58 -6.61
N ASP A 612 42.52 12.62 -7.02
CA ASP A 612 43.56 12.83 -8.02
C ASP A 612 43.16 12.07 -9.28
N ILE A 613 42.75 12.82 -10.31
CA ILE A 613 42.25 12.25 -11.55
C ILE A 613 43.18 12.67 -12.68
N ASP A 614 43.65 11.69 -13.44
CA ASP A 614 44.56 11.95 -14.55
C ASP A 614 43.84 11.87 -15.88
N ALA A 615 44.32 12.64 -16.83
CA ALA A 615 43.81 12.61 -18.19
C ALA A 615 44.21 11.32 -18.89
N PRO A 616 43.39 10.85 -19.86
CA PRO A 616 42.12 11.42 -20.33
C PRO A 616 40.95 11.09 -19.42
N VAL A 617 39.91 11.92 -19.45
CA VAL A 617 38.74 11.72 -18.60
C VAL A 617 37.56 12.49 -19.19
N THR A 618 36.36 12.01 -18.93
CA THR A 618 35.12 12.64 -19.35
C THR A 618 34.44 13.23 -18.12
N VAL A 619 34.04 14.50 -18.21
CA VAL A 619 33.37 15.20 -17.11
C VAL A 619 31.89 15.34 -17.43
N CYS A 620 31.04 14.93 -16.51
CA CYS A 620 29.60 14.97 -16.68
C CYS A 620 28.96 15.72 -15.53
N GLY A 621 27.88 16.43 -15.84
CA GLY A 621 27.19 17.29 -14.90
C GLY A 621 26.03 16.60 -14.21
N ASP A 622 24.98 17.37 -13.96
CA ASP A 622 23.83 16.84 -13.25
C ASP A 622 23.09 15.82 -14.10
N ILE A 623 22.56 14.79 -13.44
CA ILE A 623 21.72 13.78 -14.07
C ILE A 623 20.28 13.90 -13.60
N HIS A 624 20.08 14.02 -12.29
CA HIS A 624 18.77 14.26 -11.69
C HIS A 624 17.74 13.21 -12.10
N GLY A 625 18.12 11.94 -11.92
CA GLY A 625 17.18 10.85 -12.06
C GLY A 625 16.78 10.52 -13.48
N GLN A 626 17.43 11.10 -14.48
CA GLN A 626 17.08 10.85 -15.87
C GLN A 626 17.88 9.66 -16.39
N PHE A 627 17.38 8.48 -16.00
CA PHE A 627 18.09 7.24 -16.31
C PHE A 627 18.18 7.01 -17.81
N PHE A 628 17.08 7.21 -18.52
CA PHE A 628 17.11 6.97 -19.96
C PHE A 628 17.93 8.01 -20.68
N ASP A 629 18.07 9.19 -20.09
CA ASP A 629 19.04 10.16 -20.59
C ASP A 629 20.46 9.80 -20.16
N LEU A 630 20.59 8.98 -19.11
CA LEU A 630 21.92 8.60 -18.64
C LEU A 630 22.60 7.63 -19.59
N MET A 631 21.88 6.61 -20.06
CA MET A 631 22.46 5.71 -21.06
C MET A 631 22.77 6.47 -22.34
N LYS A 632 21.91 7.41 -22.72
CA LYS A 632 22.19 8.25 -23.87
C LYS A 632 23.51 9.01 -23.69
N LEU A 633 23.88 9.30 -22.44
CA LEU A 633 25.16 9.93 -22.17
C LEU A 633 26.32 9.00 -22.51
N PHE A 634 26.16 7.70 -22.24
CA PHE A 634 27.31 6.80 -22.27
C PHE A 634 27.85 6.57 -23.68
N GLU A 635 26.99 6.53 -24.69
CA GLU A 635 27.53 6.37 -26.05
C GLU A 635 28.26 7.62 -26.49
N VAL A 636 27.82 8.79 -26.01
CA VAL A 636 28.48 10.04 -26.38
C VAL A 636 29.89 10.10 -25.82
N GLY A 637 30.07 9.74 -24.54
CA GLY A 637 31.38 9.81 -23.93
C GLY A 637 32.21 8.56 -24.12
N GLY A 638 31.57 7.43 -24.41
CA GLY A 638 32.25 6.18 -24.55
C GLY A 638 31.86 5.18 -23.47
N SER A 639 32.19 3.93 -23.71
CA SER A 639 31.84 2.87 -22.77
C SER A 639 32.56 3.10 -21.43
N PRO A 640 31.89 2.87 -20.31
CA PRO A 640 32.54 3.09 -19.00
C PRO A 640 33.71 2.17 -18.77
N ALA A 641 33.80 1.05 -19.48
CA ALA A 641 34.90 0.11 -19.28
C ALA A 641 36.24 0.72 -19.64
N ASN A 642 36.31 1.47 -20.74
CA ASN A 642 37.58 2.01 -21.23
C ASN A 642 37.63 3.53 -21.23
N THR A 643 36.61 4.20 -20.71
CA THR A 643 36.58 5.65 -20.66
C THR A 643 36.33 6.09 -19.23
N ARG A 644 37.17 7.02 -18.74
CA ARG A 644 37.06 7.52 -17.38
C ARG A 644 35.98 8.60 -17.30
N TYR A 645 35.11 8.50 -16.30
CA TYR A 645 34.01 9.43 -16.13
C TYR A 645 34.12 10.10 -14.77
N LEU A 646 33.75 11.37 -14.72
CA LEU A 646 33.68 12.12 -13.47
C LEU A 646 32.32 12.80 -13.40
N PHE A 647 31.51 12.40 -12.43
CA PHE A 647 30.17 12.95 -12.25
C PHE A 647 30.21 13.98 -11.13
N LEU A 648 29.74 15.18 -11.44
CA LEU A 648 29.88 16.32 -10.53
C LEU A 648 28.73 16.43 -9.53
N GLY A 649 27.90 15.41 -9.40
CA GLY A 649 26.88 15.36 -8.38
C GLY A 649 25.49 15.36 -8.98
N ASP A 650 24.51 15.55 -8.09
CA ASP A 650 23.10 15.61 -8.47
C ASP A 650 22.66 14.35 -9.19
N TYR A 651 22.65 13.22 -8.49
CA TYR A 651 22.20 11.97 -9.07
C TYR A 651 20.72 11.71 -8.88
N VAL A 652 20.04 12.45 -8.00
CA VAL A 652 18.67 12.15 -7.62
C VAL A 652 17.81 13.39 -7.80
N ASP A 653 16.52 13.23 -7.51
CA ASP A 653 15.54 14.31 -7.51
C ASP A 653 15.26 14.83 -8.91
N ARG A 654 14.10 15.47 -9.10
CA ARG A 654 13.72 16.13 -10.34
C ARG A 654 13.45 15.13 -11.45
N GLY A 655 13.68 13.86 -11.18
CA GLY A 655 13.37 12.81 -12.13
C GLY A 655 12.54 11.71 -11.49
N TYR A 656 12.15 10.74 -12.29
CA TYR A 656 11.34 9.63 -11.82
C TYR A 656 12.09 8.31 -11.84
N PHE A 657 13.37 8.31 -12.22
CA PHE A 657 14.18 7.11 -12.25
C PHE A 657 15.45 7.32 -11.44
N SER A 658 15.31 7.97 -10.28
CA SER A 658 16.46 8.25 -9.44
C SER A 658 17.13 6.97 -8.96
N ILE A 659 16.33 5.97 -8.57
CA ILE A 659 16.90 4.76 -8.00
C ILE A 659 17.69 3.98 -9.04
N GLU A 660 17.26 4.03 -10.31
CA GLU A 660 18.02 3.36 -11.36
C GLU A 660 19.36 4.05 -11.58
N CYS A 661 19.40 5.38 -11.50
CA CYS A 661 20.68 6.08 -11.61
C CYS A 661 21.60 5.72 -10.45
N VAL A 662 21.04 5.63 -9.24
CA VAL A 662 21.84 5.27 -8.08
C VAL A 662 22.36 3.84 -8.19
N LEU A 663 21.47 2.90 -8.50
CA LEU A 663 21.89 1.50 -8.57
C LEU A 663 22.90 1.29 -9.69
N TYR A 664 22.66 1.86 -10.87
CA TYR A 664 23.56 1.63 -12.00
C TYR A 664 24.93 2.26 -11.76
N LEU A 665 24.97 3.46 -11.20
CA LEU A 665 26.25 4.12 -10.96
C LEU A 665 27.03 3.43 -9.85
N TRP A 666 26.37 3.17 -8.71
CA TRP A 666 26.99 2.38 -7.65
C TRP A 666 27.37 0.98 -8.14
N ALA A 667 26.57 0.37 -9.01
CA ALA A 667 26.99 -0.90 -9.59
C ALA A 667 28.20 -0.70 -10.49
N LEU A 668 28.24 0.40 -11.25
CA LEU A 668 29.39 0.69 -12.08
C LEU A 668 30.59 1.07 -11.23
N LYS A 669 30.35 1.64 -10.04
CA LYS A 669 31.46 1.95 -9.14
C LYS A 669 32.18 0.69 -8.69
N ILE A 670 31.42 -0.36 -8.38
CA ILE A 670 32.02 -1.61 -7.93
C ILE A 670 32.84 -2.25 -9.04
N LEU A 671 32.30 -2.27 -10.25
CA LEU A 671 32.98 -2.94 -11.36
C LEU A 671 34.21 -2.18 -11.80
N TYR A 672 34.19 -0.85 -11.73
CA TYR A 672 35.34 -0.02 -12.12
C TYR A 672 35.63 1.01 -11.03
N PRO A 673 36.22 0.59 -9.91
CA PRO A 673 36.57 1.56 -8.85
C PRO A 673 37.55 2.63 -9.29
N LYS A 674 38.46 2.33 -10.23
CA LYS A 674 39.55 3.23 -10.56
C LYS A 674 39.31 4.04 -11.83
N THR A 675 38.20 3.84 -12.53
CA THR A 675 37.91 4.61 -13.73
C THR A 675 36.56 5.33 -13.69
N LEU A 676 35.77 5.14 -12.65
CA LEU A 676 34.52 5.88 -12.46
C LEU A 676 34.61 6.60 -11.12
N PHE A 677 34.40 7.91 -11.14
CA PHE A 677 34.55 8.75 -9.95
C PHE A 677 33.27 9.53 -9.73
N LEU A 678 32.72 9.42 -8.52
CA LEU A 678 31.47 10.08 -8.16
C LEU A 678 31.74 11.17 -7.14
N LEU A 679 31.17 12.34 -7.36
CA LEU A 679 31.27 13.45 -6.42
C LEU A 679 29.89 13.81 -5.91
N ARG A 680 29.86 14.56 -4.81
CA ARG A 680 28.62 14.82 -4.08
C ARG A 680 27.98 16.11 -4.54
N GLY A 681 26.65 16.09 -4.65
CA GLY A 681 25.86 17.26 -4.96
C GLY A 681 24.96 17.61 -3.79
N ASN A 682 24.28 18.75 -3.94
CA ASN A 682 23.46 19.26 -2.86
C ASN A 682 22.18 18.45 -2.66
N HIS A 683 21.84 17.56 -3.57
CA HIS A 683 20.64 16.75 -3.43
C HIS A 683 20.87 15.45 -2.69
N GLU A 684 22.12 15.11 -2.38
CA GLU A 684 22.43 13.89 -1.63
C GLU A 684 22.49 14.16 -0.13
N CYS A 685 21.35 14.57 0.43
CA CYS A 685 21.23 14.80 1.86
C CYS A 685 19.78 14.59 2.24
N ARG A 686 19.56 14.36 3.54
CA ARG A 686 18.20 14.10 4.01
C ARG A 686 17.34 15.35 3.88
N HIS A 687 17.95 16.53 3.89
CA HIS A 687 17.18 17.77 3.84
C HIS A 687 16.42 17.89 2.53
N LEU A 688 17.05 17.54 1.41
CA LEU A 688 16.45 17.79 0.11
C LEU A 688 15.54 16.64 -0.33
N THR A 689 15.96 15.39 -0.11
CA THR A 689 15.13 14.26 -0.54
C THR A 689 13.81 14.18 0.21
N GLU A 690 13.76 14.63 1.47
CA GLU A 690 12.47 14.79 2.12
C GLU A 690 11.63 15.81 1.38
N TYR A 691 12.25 16.92 0.97
CA TYR A 691 11.54 17.97 0.27
C TYR A 691 11.11 17.51 -1.11
N PHE A 692 12.00 16.88 -1.86
CA PHE A 692 11.70 16.42 -3.21
C PHE A 692 11.26 14.95 -3.23
N THR A 693 11.24 14.34 -4.41
CA THR A 693 10.56 13.07 -4.61
C THR A 693 11.41 11.82 -4.40
N PHE A 694 12.69 11.94 -4.05
CA PHE A 694 13.52 10.74 -3.95
C PHE A 694 13.00 9.79 -2.87
N LYS A 695 12.62 10.32 -1.71
CA LYS A 695 12.09 9.46 -0.66
C LYS A 695 10.78 8.81 -1.08
N GLN A 696 9.89 9.59 -1.71
CA GLN A 696 8.62 9.02 -2.16
C GLN A 696 8.86 7.94 -3.21
N GLU A 697 9.89 8.12 -4.03
CA GLU A 697 10.26 7.09 -4.99
C GLU A 697 10.67 5.80 -4.30
N CYS A 698 11.52 5.90 -3.27
CA CYS A 698 12.03 4.70 -2.61
C CYS A 698 10.92 3.93 -1.91
N LYS A 699 9.97 4.65 -1.29
CA LYS A 699 8.86 3.97 -0.64
C LYS A 699 8.02 3.20 -1.65
N ILE A 700 7.70 3.80 -2.79
CA ILE A 700 6.90 3.13 -3.79
C ILE A 700 7.68 2.03 -4.48
N LYS A 701 8.92 2.31 -4.86
CA LYS A 701 9.65 1.36 -5.69
C LYS A 701 10.24 0.19 -4.92
N TYR A 702 11.07 0.44 -3.91
CA TYR A 702 11.64 -0.70 -3.20
C TYR A 702 11.15 -0.81 -1.76
N SER A 703 11.48 0.17 -0.91
CA SER A 703 11.12 0.11 0.50
C SER A 703 11.63 1.37 1.18
N GLU A 704 11.26 1.51 2.45
CA GLU A 704 11.85 2.57 3.27
C GLU A 704 13.26 2.23 3.71
N ARG A 705 13.60 0.93 3.75
CA ARG A 705 14.92 0.54 4.24
C ARG A 705 16.00 0.80 3.19
N VAL A 706 15.65 0.74 1.91
CA VAL A 706 16.60 1.08 0.86
C VAL A 706 16.95 2.56 0.93
N TYR A 707 15.98 3.40 1.27
CA TYR A 707 16.22 4.83 1.37
C TYR A 707 17.26 5.15 2.44
N ASP A 708 17.18 4.46 3.58
CA ASP A 708 18.17 4.66 4.63
C ASP A 708 19.56 4.25 4.16
N ALA A 709 19.66 3.16 3.41
CA ALA A 709 20.95 2.70 2.91
C ALA A 709 21.57 3.73 1.97
N CYS A 710 20.74 4.41 1.18
CA CYS A 710 21.26 5.41 0.25
C CYS A 710 21.90 6.57 1.00
N MET A 711 21.29 7.01 2.11
CA MET A 711 21.82 8.14 2.86
C MET A 711 23.16 7.81 3.51
N ASP A 712 23.35 6.55 3.91
CA ASP A 712 24.67 6.14 4.38
C ASP A 712 25.71 6.25 3.28
N ALA A 713 25.34 5.86 2.06
CA ALA A 713 26.25 5.99 0.93
C ALA A 713 26.38 7.45 0.50
N PHE A 714 25.29 8.21 0.53
CA PHE A 714 25.33 9.61 0.14
C PHE A 714 26.23 10.43 1.06
N ASP A 715 26.41 9.99 2.31
CA ASP A 715 27.34 10.66 3.20
C ASP A 715 28.79 10.42 2.80
N CYS A 716 29.10 9.27 2.20
CA CYS A 716 30.47 8.92 1.85
C CYS A 716 30.91 9.53 0.53
N LEU A 717 30.04 10.24 -0.17
CA LEU A 717 30.39 10.78 -1.48
C LEU A 717 31.47 11.84 -1.33
N PRO A 718 32.52 11.79 -2.17
CA PRO A 718 33.53 12.84 -2.12
C PRO A 718 32.96 14.20 -2.50
N LEU A 719 33.62 15.25 -2.02
CA LEU A 719 33.17 16.62 -2.28
C LEU A 719 33.77 17.22 -3.55
N ALA A 720 35.03 16.94 -3.86
CA ALA A 720 35.67 17.59 -4.99
C ALA A 720 36.79 16.69 -5.50
N ALA A 721 37.26 17.02 -6.71
CA ALA A 721 38.34 16.28 -7.34
C ALA A 721 39.29 17.26 -7.98
N LEU A 722 40.56 16.88 -8.06
CA LEU A 722 41.59 17.68 -8.72
C LEU A 722 41.89 17.03 -10.06
N MET A 723 41.62 17.76 -11.14
CA MET A 723 41.65 17.20 -12.48
C MET A 723 42.97 17.52 -13.17
N ASN A 724 43.84 16.51 -13.25
CA ASN A 724 45.11 16.61 -13.98
C ASN A 724 45.98 17.76 -13.47
N GLN A 725 45.81 18.10 -12.19
CA GLN A 725 46.63 19.09 -11.49
C GLN A 725 46.46 20.51 -12.04
N GLN A 726 45.46 20.74 -12.90
CA GLN A 726 45.19 22.09 -13.39
C GLN A 726 43.75 22.51 -13.16
N PHE A 727 42.83 21.55 -13.14
CA PHE A 727 41.41 21.82 -13.05
C PHE A 727 40.89 21.34 -11.71
N LEU A 728 40.11 22.19 -11.03
CA LEU A 728 39.44 21.80 -9.79
C LEU A 728 37.98 21.53 -10.07
N CYS A 729 37.54 20.31 -9.81
CA CYS A 729 36.19 19.87 -10.13
C CYS A 729 35.36 19.83 -8.86
N VAL A 730 34.23 20.52 -8.87
CA VAL A 730 33.36 20.66 -7.70
C VAL A 730 31.94 20.88 -8.19
N HIS A 731 30.97 20.41 -7.40
CA HIS A 731 29.56 20.56 -7.77
C HIS A 731 29.16 22.02 -7.82
N GLY A 732 29.51 22.79 -6.79
CA GLY A 732 29.10 24.17 -6.71
C GLY A 732 30.20 25.12 -7.10
N GLY A 733 30.85 25.71 -6.11
CA GLY A 733 31.94 26.63 -6.37
C GLY A 733 32.85 26.84 -5.18
N LEU A 734 33.37 28.04 -5.04
CA LEU A 734 34.34 28.34 -4.00
C LEU A 734 33.64 28.65 -2.69
N SER A 735 34.43 28.80 -1.64
CA SER A 735 33.93 29.08 -0.31
C SER A 735 34.72 30.21 0.33
N PRO A 736 34.05 31.08 1.10
CA PRO A 736 34.80 32.13 1.81
C PRO A 736 35.76 31.60 2.83
N GLU A 737 35.52 30.40 3.37
CA GLU A 737 36.35 29.82 4.41
C GLU A 737 37.42 28.88 3.88
N ILE A 738 37.54 28.73 2.57
CA ILE A 738 38.56 27.89 1.95
C ILE A 738 39.41 28.76 1.04
N ASN A 739 40.71 28.80 1.29
CA ASN A 739 41.65 29.54 0.46
C ASN A 739 42.67 28.66 -0.25
N THR A 740 42.96 27.48 0.30
CA THR A 740 43.88 26.53 -0.32
C THR A 740 43.21 25.17 -0.42
N LEU A 741 43.71 24.36 -1.36
CA LEU A 741 43.10 23.05 -1.61
C LEU A 741 43.19 22.13 -0.41
N ASP A 742 44.24 22.26 0.42
CA ASP A 742 44.38 21.39 1.57
C ASP A 742 43.28 21.63 2.60
N ASP A 743 42.57 22.75 2.51
CA ASP A 743 41.47 23.01 3.42
C ASP A 743 40.35 22.00 3.26
N ILE A 744 40.06 21.59 2.03
CA ILE A 744 39.04 20.57 1.80
C ILE A 744 39.51 19.23 2.36
N ARG A 745 40.81 18.94 2.27
CA ARG A 745 41.32 17.67 2.75
C ARG A 745 41.06 17.48 4.24
N LYS A 746 41.05 18.57 5.01
CA LYS A 746 40.86 18.49 6.46
C LYS A 746 39.41 18.34 6.88
N LEU A 747 38.46 18.43 5.94
CA LEU A 747 37.05 18.42 6.29
C LEU A 747 36.59 17.01 6.66
N ASP A 748 35.51 16.93 7.43
CA ASP A 748 34.88 15.67 7.79
C ASP A 748 33.63 15.52 6.93
N ARG A 749 33.72 14.66 5.91
CA ARG A 749 32.66 14.54 4.92
C ARG A 749 31.60 13.50 5.26
N PHE A 750 31.82 12.67 6.27
CA PHE A 750 30.91 11.58 6.58
C PHE A 750 29.76 12.06 7.47
N LYS A 751 29.06 13.08 6.98
CA LYS A 751 27.97 13.65 7.75
C LYS A 751 27.03 14.40 6.80
N GLU A 752 25.81 14.59 7.25
CA GLU A 752 24.86 15.40 6.49
C GLU A 752 25.34 16.84 6.50
N PRO A 753 25.41 17.51 5.35
CA PRO A 753 26.00 18.85 5.30
C PRO A 753 25.24 19.84 6.16
N PRO A 754 25.96 20.69 6.89
CA PRO A 754 25.29 21.71 7.70
C PRO A 754 24.69 22.81 6.84
N ALA A 755 23.80 23.60 7.46
CA ALA A 755 23.19 24.74 6.79
C ALA A 755 24.17 25.88 6.57
N TYR A 756 25.37 25.81 7.15
CA TYR A 756 26.41 26.81 6.92
C TYR A 756 27.76 26.15 7.16
N GLY A 757 28.80 26.79 6.64
CA GLY A 757 30.14 26.28 6.79
C GLY A 757 30.80 26.02 5.44
N PRO A 758 32.06 25.59 5.46
CA PRO A 758 32.77 25.39 4.19
C PRO A 758 32.14 24.33 3.31
N MET A 759 31.61 23.26 3.90
CA MET A 759 31.09 22.16 3.08
C MET A 759 29.82 22.57 2.35
N CYS A 760 28.93 23.29 3.01
CA CYS A 760 27.73 23.77 2.35
C CYS A 760 28.07 24.77 1.24
N ASP A 761 29.07 25.62 1.48
CA ASP A 761 29.47 26.58 0.46
C ASP A 761 30.03 25.88 -0.76
N ILE A 762 30.68 24.72 -0.56
CA ILE A 762 31.12 23.92 -1.69
C ILE A 762 29.94 23.41 -2.51
N LEU A 763 28.89 22.94 -1.85
CA LEU A 763 27.81 22.25 -2.55
C LEU A 763 26.67 23.16 -2.99
N TRP A 764 26.72 24.46 -2.68
CA TRP A 764 25.60 25.34 -2.99
C TRP A 764 25.96 26.67 -3.63
N SER A 765 27.23 27.09 -3.58
CA SER A 765 27.56 28.41 -4.08
C SER A 765 27.39 28.49 -5.59
N ASP A 766 26.99 29.68 -6.05
CA ASP A 766 26.73 29.95 -7.46
C ASP A 766 27.53 31.17 -7.89
N PRO A 767 27.94 31.23 -9.16
CA PRO A 767 28.54 32.46 -9.68
C PRO A 767 27.50 33.54 -9.87
N LEU A 768 27.96 34.79 -9.86
CA LEU A 768 27.06 35.93 -9.97
C LEU A 768 26.42 35.99 -11.35
N GLU A 769 25.27 36.67 -11.43
CA GLU A 769 24.58 36.83 -12.70
C GLU A 769 25.44 37.63 -13.68
N ASP A 770 26.13 38.65 -13.19
CA ASP A 770 27.03 39.47 -14.00
C ASP A 770 28.48 39.05 -13.83
N PHE A 771 28.72 37.75 -13.70
CA PHE A 771 30.06 37.22 -13.50
C PHE A 771 30.98 37.68 -14.62
N GLY A 772 32.13 38.22 -14.24
CA GLY A 772 33.07 38.80 -15.17
C GLY A 772 32.85 40.28 -15.44
N ASN A 773 31.70 40.82 -15.04
CA ASN A 773 31.37 42.23 -15.21
C ASN A 773 30.75 42.81 -13.95
N GLU A 774 31.22 42.36 -12.79
CA GLU A 774 30.64 42.79 -11.53
C GLU A 774 30.91 44.27 -11.27
N LYS A 775 29.90 44.96 -10.75
CA LYS A 775 30.02 46.38 -10.45
C LYS A 775 30.86 46.67 -9.21
N THR A 776 30.98 45.71 -8.30
CA THR A 776 31.78 45.86 -7.09
C THR A 776 32.89 44.82 -7.08
N GLN A 777 33.83 44.99 -6.14
CA GLN A 777 34.96 44.08 -5.99
C GLN A 777 34.78 43.13 -4.82
N GLU A 778 33.57 43.00 -4.29
CA GLU A 778 33.31 42.09 -3.19
C GLU A 778 33.50 40.65 -3.64
N HIS A 779 34.26 39.88 -2.86
CA HIS A 779 34.55 38.50 -3.24
C HIS A 779 33.35 37.59 -3.03
N PHE A 780 32.65 37.73 -1.91
CA PHE A 780 31.54 36.85 -1.58
C PHE A 780 30.34 37.67 -1.16
N THR A 781 29.17 37.26 -1.64
CA THR A 781 27.91 37.89 -1.27
C THR A 781 26.87 36.81 -1.02
N HIS A 782 25.85 37.15 -0.24
CA HIS A 782 24.80 36.19 0.10
C HIS A 782 24.06 35.75 -1.15
N ASN A 783 23.76 34.45 -1.22
CA ASN A 783 23.09 33.87 -2.39
C ASN A 783 21.58 33.88 -2.13
N THR A 784 20.89 34.82 -2.78
CA THR A 784 19.44 34.92 -2.60
C THR A 784 18.70 33.83 -3.33
N VAL A 785 19.25 33.34 -4.45
CA VAL A 785 18.55 32.32 -5.23
C VAL A 785 18.43 31.02 -4.45
N ARG A 786 19.54 30.53 -3.91
CA ARG A 786 19.54 29.28 -3.15
C ARG A 786 18.96 29.44 -1.75
N GLY A 787 19.09 30.62 -1.16
CA GLY A 787 18.73 30.83 0.23
C GLY A 787 19.84 30.57 1.22
N CYS A 788 21.00 30.07 0.77
CA CYS A 788 22.13 29.85 1.64
C CYS A 788 23.40 29.91 0.80
N SER A 789 24.53 29.66 1.45
CA SER A 789 25.87 29.71 0.85
C SER A 789 26.10 31.13 0.31
N TYR A 790 27.01 31.28 -0.64
CA TYR A 790 27.43 32.61 -1.09
C TYR A 790 27.54 32.64 -2.61
N PHE A 791 27.49 33.85 -3.15
CA PHE A 791 27.94 34.11 -4.52
C PHE A 791 29.44 34.33 -4.50
N TYR A 792 30.14 33.81 -5.50
CA TYR A 792 31.56 34.06 -5.67
C TYR A 792 31.81 34.70 -7.03
N SER A 793 32.60 35.77 -7.03
CA SER A 793 32.77 36.62 -8.18
C SER A 793 34.04 36.28 -8.95
N TYR A 794 34.22 36.96 -10.09
CA TYR A 794 35.41 36.75 -10.90
C TYR A 794 36.71 37.02 -10.15
N PRO A 795 36.85 38.09 -9.35
CA PRO A 795 38.09 38.22 -8.56
C PRO A 795 38.32 37.07 -7.60
N ALA A 796 37.25 36.48 -7.07
CA ALA A 796 37.42 35.35 -6.15
C ALA A 796 38.02 34.14 -6.86
N VAL A 797 37.58 33.87 -8.09
CA VAL A 797 38.08 32.71 -8.81
C VAL A 797 39.54 32.88 -9.19
N CYS A 798 39.90 34.02 -9.76
CA CYS A 798 41.26 34.21 -10.27
C CYS A 798 42.29 34.18 -9.14
N GLU A 799 41.95 34.78 -8.00
CA GLU A 799 42.85 34.73 -6.86
C GLU A 799 43.05 33.31 -6.37
N PHE A 800 41.96 32.52 -6.31
CA PHE A 800 42.06 31.14 -5.85
C PHE A 800 42.88 30.29 -6.82
N LEU A 801 42.67 30.49 -8.13
CA LEU A 801 43.43 29.73 -9.12
C LEU A 801 44.92 30.03 -9.02
N GLN A 802 45.27 31.32 -8.88
CA GLN A 802 46.67 31.70 -8.81
C GLN A 802 47.31 31.23 -7.50
N HIS A 803 46.58 31.31 -6.40
CA HIS A 803 47.14 30.96 -5.10
C HIS A 803 47.45 29.48 -5.00
N ASN A 804 46.69 28.63 -5.71
CA ASN A 804 46.91 27.19 -5.72
C ASN A 804 47.56 26.71 -7.00
N ASN A 805 48.00 27.62 -7.87
CA ASN A 805 48.58 27.28 -9.16
C ASN A 805 47.64 26.39 -9.97
N LEU A 806 46.40 26.86 -10.12
CA LEU A 806 45.37 26.16 -10.86
C LEU A 806 45.00 26.94 -12.11
N LEU A 807 44.56 26.20 -13.12
CA LEU A 807 44.23 26.80 -14.41
C LEU A 807 42.78 27.27 -14.49
N SER A 808 41.82 26.39 -14.19
CA SER A 808 40.42 26.74 -14.30
C SER A 808 39.62 25.82 -13.39
N ILE A 809 38.32 26.08 -13.32
CA ILE A 809 37.41 25.37 -12.44
C ILE A 809 36.27 24.78 -13.26
N LEU A 810 35.98 23.51 -13.05
CA LEU A 810 34.86 22.82 -13.67
C LEU A 810 33.76 22.64 -12.63
N ARG A 811 32.55 23.04 -12.97
CA ARG A 811 31.44 22.98 -12.03
C ARG A 811 30.18 22.52 -12.73
N ALA A 812 29.11 22.42 -11.95
CA ALA A 812 27.82 21.91 -12.39
C ALA A 812 26.76 22.78 -11.73
N HIS A 813 25.53 22.25 -11.60
CA HIS A 813 24.59 22.77 -10.61
C HIS A 813 23.84 23.99 -11.13
N GLU A 814 24.10 24.39 -12.37
CA GLU A 814 23.35 25.44 -13.04
C GLU A 814 22.90 24.95 -14.41
N ALA A 815 21.60 25.07 -14.69
CA ALA A 815 21.08 24.65 -15.97
C ALA A 815 21.56 25.57 -17.09
N GLN A 816 21.95 24.97 -18.21
CA GLN A 816 22.43 25.71 -19.37
C GLN A 816 21.67 25.24 -20.60
N ASP A 817 21.29 26.18 -21.47
CA ASP A 817 20.54 25.81 -22.66
C ASP A 817 21.37 24.92 -23.58
N ALA A 818 22.65 25.21 -23.72
CA ALA A 818 23.54 24.44 -24.58
C ALA A 818 24.26 23.33 -23.83
N GLY A 819 24.01 23.19 -22.52
CA GLY A 819 24.69 22.20 -21.71
C GLY A 819 26.02 22.63 -21.16
N TYR A 820 26.52 23.80 -21.55
CA TYR A 820 27.78 24.32 -21.04
C TYR A 820 27.76 25.84 -21.16
N ARG A 821 28.66 26.48 -20.42
CA ARG A 821 28.78 27.93 -20.46
C ARG A 821 30.24 28.30 -20.20
N MET A 822 30.90 28.82 -21.22
CA MET A 822 32.29 29.25 -21.11
C MET A 822 32.33 30.69 -20.63
N TYR A 823 32.79 30.89 -19.40
CA TYR A 823 32.79 32.21 -18.79
C TYR A 823 34.01 33.01 -19.27
N ARG A 824 34.24 34.16 -18.63
CA ARG A 824 35.34 35.04 -19.01
C ARG A 824 36.68 34.34 -18.83
N LYS A 825 37.57 34.54 -19.79
CA LYS A 825 38.90 33.94 -19.74
C LYS A 825 39.77 34.67 -18.73
N SER A 826 40.55 33.89 -17.99
CA SER A 826 41.43 34.46 -16.98
C SER A 826 42.55 35.26 -17.63
N GLN A 827 42.87 36.41 -17.04
CA GLN A 827 43.91 37.27 -17.59
C GLN A 827 45.29 36.63 -17.48
N THR A 828 45.52 35.82 -16.45
CA THR A 828 46.83 35.23 -16.24
C THR A 828 47.13 34.15 -17.29
N THR A 829 46.15 33.30 -17.59
CA THR A 829 46.37 32.15 -18.44
C THR A 829 45.73 32.26 -19.82
N GLY A 830 44.75 33.14 -19.99
CA GLY A 830 44.04 33.22 -21.26
C GLY A 830 43.02 32.13 -21.47
N PHE A 831 42.75 31.33 -20.46
CA PHE A 831 41.84 30.19 -20.45
C PHE A 831 40.55 30.57 -19.71
N PRO A 832 39.40 30.05 -20.11
CA PRO A 832 38.16 30.36 -19.40
C PRO A 832 38.24 29.97 -17.93
N SER A 833 37.98 30.94 -17.06
CA SER A 833 38.22 30.77 -15.63
C SER A 833 37.25 29.76 -15.01
N LEU A 834 35.99 29.75 -15.43
CA LEU A 834 34.99 28.88 -14.83
C LEU A 834 34.18 28.22 -15.93
N ILE A 835 33.91 26.93 -15.77
CA ILE A 835 33.14 26.14 -16.73
C ILE A 835 32.03 25.43 -15.99
N THR A 836 30.81 25.53 -16.50
CA THR A 836 29.65 24.86 -15.95
C THR A 836 29.20 23.76 -16.91
N ILE A 837 29.07 22.54 -16.40
CA ILE A 837 28.65 21.39 -17.20
C ILE A 837 27.31 20.91 -16.67
N PHE A 838 26.31 20.87 -17.54
CA PHE A 838 24.97 20.43 -17.19
C PHE A 838 24.55 19.33 -18.15
N SER A 839 24.58 18.08 -17.68
CA SER A 839 24.36 16.93 -18.53
C SER A 839 22.97 16.33 -18.36
N ALA A 840 21.95 17.16 -18.19
CA ALA A 840 20.57 16.70 -18.09
C ALA A 840 19.77 17.24 -19.26
N PRO A 841 19.62 16.49 -20.36
CA PRO A 841 18.91 17.01 -21.53
C PRO A 841 17.41 17.09 -21.28
N ASN A 842 16.82 18.18 -21.76
CA ASN A 842 15.42 18.49 -21.50
C ASN A 842 15.13 18.40 -20.01
N TYR A 843 15.84 19.21 -19.23
CA TYR A 843 15.75 19.21 -17.79
C TYR A 843 14.32 19.51 -17.34
N LEU A 844 13.79 18.63 -16.49
CA LEU A 844 12.42 18.71 -15.97
C LEU A 844 11.36 18.60 -17.07
N ASP A 845 11.77 18.24 -18.28
CA ASP A 845 10.88 18.10 -19.44
C ASP A 845 10.10 19.38 -19.74
N VAL A 846 10.58 20.53 -19.26
CA VAL A 846 9.91 21.80 -19.54
C VAL A 846 10.91 22.78 -20.11
N TYR A 847 12.20 22.55 -19.84
CA TYR A 847 13.23 23.49 -20.28
C TYR A 847 13.58 23.32 -21.75
N ASN A 848 13.46 22.10 -22.30
CA ASN A 848 13.82 21.80 -23.68
C ASN A 848 15.25 22.21 -24.01
N ASN A 849 16.17 22.03 -23.07
CA ASN A 849 17.56 22.39 -23.29
C ASN A 849 18.38 21.21 -23.78
N LYS A 850 19.63 21.48 -24.11
CA LYS A 850 20.57 20.45 -24.50
C LYS A 850 21.50 20.11 -23.32
N ALA A 851 22.10 18.93 -23.39
CA ALA A 851 23.04 18.47 -22.40
C ALA A 851 24.43 18.35 -23.01
N ALA A 852 25.44 18.32 -22.16
CA ALA A 852 26.81 18.29 -22.64
C ALA A 852 27.66 17.44 -21.71
N VAL A 853 28.69 16.83 -22.29
CA VAL A 853 29.73 16.14 -21.56
C VAL A 853 31.07 16.66 -22.05
N LEU A 854 32.01 16.85 -21.14
CA LEU A 854 33.30 17.43 -21.46
C LEU A 854 34.32 16.30 -21.62
N LYS A 855 34.97 16.26 -22.76
CA LYS A 855 36.04 15.31 -23.04
C LYS A 855 37.38 16.04 -22.96
N TYR A 856 38.30 15.50 -22.15
CA TYR A 856 39.63 16.07 -22.00
C TYR A 856 40.66 15.02 -22.36
N GLU A 857 41.48 15.33 -23.35
CA GLU A 857 42.55 14.44 -23.77
C GLU A 857 43.55 15.23 -24.61
N ASN A 858 44.84 14.93 -24.40
CA ASN A 858 45.93 15.56 -25.15
C ASN A 858 45.90 17.08 -25.04
N ASN A 859 45.53 17.59 -23.85
CA ASN A 859 45.44 19.02 -23.58
C ASN A 859 44.45 19.70 -24.52
N VAL A 860 43.45 18.96 -25.00
CA VAL A 860 42.46 19.47 -25.95
C VAL A 860 41.11 19.49 -25.25
N MET A 861 40.42 20.63 -25.35
CA MET A 861 39.11 20.82 -24.74
C MET A 861 38.03 20.48 -25.75
N ASN A 862 37.20 19.49 -25.44
CA ASN A 862 36.14 19.03 -26.32
C ASN A 862 34.82 19.01 -25.57
N ILE A 863 33.77 19.51 -26.22
CA ILE A 863 32.41 19.48 -25.68
C ILE A 863 31.54 18.65 -26.63
N ARG A 864 30.96 17.58 -26.11
CA ARG A 864 30.08 16.71 -26.88
C ARG A 864 28.66 16.86 -26.34
N GLN A 865 27.72 17.18 -27.22
CA GLN A 865 26.34 17.43 -26.83
C GLN A 865 25.44 16.28 -27.28
N PHE A 866 24.31 16.15 -26.60
CA PHE A 866 23.29 15.16 -26.96
C PHE A 866 21.94 15.69 -26.50
N ASN A 867 20.88 15.14 -27.09
CA ASN A 867 19.53 15.56 -26.80
C ASN A 867 18.78 14.51 -25.97
N CYS A 868 17.52 14.81 -25.70
CA CYS A 868 16.72 13.95 -24.85
C CYS A 868 16.34 12.66 -25.55
N SER A 869 15.96 11.65 -24.77
CA SER A 869 15.52 10.36 -25.24
C SER A 869 14.15 10.04 -24.67
N PRO A 870 13.34 9.26 -25.37
CA PRO A 870 12.02 8.88 -24.84
C PRO A 870 12.17 8.07 -23.56
N HIS A 871 11.28 8.34 -22.61
CA HIS A 871 11.30 7.65 -21.33
C HIS A 871 9.87 7.32 -20.94
N PRO A 872 9.67 6.25 -20.18
CA PRO A 872 8.31 5.88 -19.77
C PRO A 872 7.66 6.95 -18.90
N TYR A 873 6.36 6.85 -18.75
CA TYR A 873 5.58 7.87 -18.07
C TYR A 873 5.16 7.38 -16.69
N TRP A 874 5.45 8.19 -15.68
CA TRP A 874 5.03 7.94 -14.31
C TRP A 874 4.04 9.01 -13.89
N LEU A 875 3.04 8.62 -13.15
CA LEU A 875 2.11 9.59 -12.61
C LEU A 875 2.78 10.42 -11.51
N PRO A 876 2.24 11.58 -11.19
CA PRO A 876 2.77 12.37 -10.07
C PRO A 876 2.86 11.54 -8.80
N ASN A 877 3.99 11.66 -8.09
CA ASN A 877 4.21 10.94 -6.84
C ASN A 877 4.12 9.44 -7.01
N PHE A 878 4.42 8.94 -8.22
CA PHE A 878 4.63 7.52 -8.48
C PHE A 878 3.38 6.69 -8.22
N MET A 879 2.21 7.31 -8.17
CA MET A 879 1.00 6.57 -7.82
C MET A 879 0.52 5.71 -8.97
N ASP A 880 -0.33 4.75 -8.64
CA ASP A 880 -0.92 3.87 -9.63
C ASP A 880 -2.28 4.40 -10.07
N VAL A 881 -2.86 3.74 -11.07
CA VAL A 881 -4.07 4.24 -11.70
C VAL A 881 -5.30 4.09 -10.83
N PHE A 882 -5.26 3.22 -9.82
CA PHE A 882 -6.39 3.09 -8.92
C PHE A 882 -6.49 4.29 -7.97
N THR A 883 -5.35 4.71 -7.40
CA THR A 883 -5.34 5.94 -6.63
C THR A 883 -5.59 7.15 -7.52
N TRP A 884 -5.09 7.09 -8.76
CA TRP A 884 -5.25 8.19 -9.70
C TRP A 884 -6.72 8.43 -10.05
N SER A 885 -7.47 7.36 -10.27
CA SER A 885 -8.78 7.46 -10.91
C SER A 885 -9.95 7.36 -9.93
N LEU A 886 -9.79 6.65 -8.82
CA LEU A 886 -10.93 6.48 -7.91
C LEU A 886 -11.54 7.79 -7.42
N PRO A 887 -10.77 8.84 -7.10
CA PRO A 887 -11.43 10.13 -6.80
C PRO A 887 -12.30 10.61 -7.95
N PHE A 888 -11.97 10.27 -9.18
CA PHE A 888 -12.79 10.62 -10.34
C PHE A 888 -13.90 9.61 -10.56
N VAL A 889 -13.69 8.34 -10.23
CA VAL A 889 -14.75 7.36 -10.32
C VAL A 889 -15.81 7.63 -9.26
N GLY A 890 -15.38 7.88 -8.02
CA GLY A 890 -16.32 8.15 -6.95
C GLY A 890 -17.13 9.41 -7.17
N GLU A 891 -16.54 10.41 -7.81
CA GLU A 891 -17.28 11.63 -8.15
C GLU A 891 -18.28 11.40 -9.27
N LYS A 892 -17.89 10.65 -10.30
CA LYS A 892 -18.76 10.48 -11.46
C LYS A 892 -19.97 9.62 -11.12
N VAL A 893 -19.77 8.50 -10.42
CA VAL A 893 -20.90 7.62 -10.11
C VAL A 893 -21.86 8.32 -9.17
N THR A 894 -21.34 9.14 -8.25
CA THR A 894 -22.21 9.94 -7.40
C THR A 894 -22.97 10.98 -8.20
N GLU A 895 -22.31 11.60 -9.19
CA GLU A 895 -23.00 12.55 -10.05
C GLU A 895 -24.13 11.88 -10.82
N MET A 896 -23.91 10.65 -11.29
CA MET A 896 -24.96 9.93 -11.99
C MET A 896 -26.10 9.57 -11.05
N LEU A 897 -25.78 8.98 -9.89
CA LEU A 897 -26.82 8.49 -8.99
C LEU A 897 -27.70 9.62 -8.48
N VAL A 898 -27.10 10.75 -8.12
CA VAL A 898 -27.91 11.88 -7.65
C VAL A 898 -28.77 12.43 -8.78
N ASN A 899 -28.27 12.43 -10.02
CA ASN A 899 -29.07 12.89 -11.13
C ASN A 899 -30.17 11.89 -11.48
N VAL A 900 -29.90 10.59 -11.30
CA VAL A 900 -30.93 9.58 -11.58
C VAL A 900 -32.04 9.66 -10.55
N LEU A 901 -31.70 9.72 -9.26
CA LEU A 901 -32.69 9.66 -8.20
C LEU A 901 -33.30 11.02 -7.89
N ASN A 902 -32.48 11.96 -7.43
CA ASN A 902 -33.00 13.20 -6.88
C ASN A 902 -33.71 14.03 -7.94
N LEU A 903 -33.16 14.11 -9.14
CA LEU A 903 -33.73 14.89 -10.24
C LEU A 903 -33.96 16.34 -9.84
N GLY B 4 -10.31 33.14 -4.19
CA GLY B 4 -8.90 33.49 -4.10
C GLY B 4 -8.11 33.10 -5.32
N VAL B 5 -8.22 33.89 -6.39
CA VAL B 5 -7.52 33.63 -7.64
C VAL B 5 -6.66 34.85 -7.96
N GLU B 6 -5.36 34.61 -8.17
CA GLU B 6 -4.41 35.64 -8.53
C GLU B 6 -3.76 35.29 -9.86
N ILE B 7 -3.75 36.25 -10.78
CA ILE B 7 -3.20 36.05 -12.12
C ILE B 7 -2.06 37.02 -12.33
N GLU B 8 -0.89 36.49 -12.69
CA GLU B 8 0.28 37.29 -13.03
C GLU B 8 0.67 36.98 -14.46
N THR B 9 0.79 38.02 -15.28
CA THR B 9 1.10 37.85 -16.70
C THR B 9 2.58 37.55 -16.89
N ILE B 10 2.88 36.51 -17.67
CA ILE B 10 4.25 36.14 -18.00
C ILE B 10 4.59 36.55 -19.42
N SER B 11 3.77 36.16 -20.39
CA SER B 11 3.94 36.56 -21.78
C SER B 11 2.59 36.98 -22.33
N PRO B 12 2.51 38.15 -22.96
CA PRO B 12 1.22 38.62 -23.47
C PRO B 12 0.76 37.83 -24.69
N GLY B 13 -0.55 37.77 -24.86
CA GLY B 13 -1.18 37.17 -26.02
C GLY B 13 -1.64 38.20 -27.02
N ASP B 14 -2.68 37.87 -27.78
CA ASP B 14 -3.25 38.81 -28.73
C ASP B 14 -4.12 39.88 -28.07
N GLY B 15 -4.73 39.58 -26.92
CA GLY B 15 -5.54 40.56 -26.23
C GLY B 15 -6.88 40.87 -26.86
N ARG B 16 -7.35 40.03 -27.77
CA ARG B 16 -8.63 40.27 -28.43
C ARG B 16 -9.55 39.07 -28.33
N THR B 17 -8.98 37.87 -28.23
CA THR B 17 -9.73 36.63 -28.22
C THR B 17 -9.76 36.07 -26.80
N PHE B 18 -10.95 35.72 -26.33
CA PHE B 18 -11.14 35.17 -24.99
C PHE B 18 -11.96 33.88 -25.06
N PRO B 19 -11.73 32.96 -24.13
CA PRO B 19 -12.61 31.79 -24.05
C PRO B 19 -14.02 32.19 -23.64
N LYS B 20 -15.00 31.48 -24.17
CA LYS B 20 -16.40 31.74 -23.93
C LYS B 20 -17.08 30.48 -23.41
N LYS B 21 -18.25 30.67 -22.79
CA LYS B 21 -19.02 29.55 -22.28
C LYS B 21 -19.47 28.64 -23.40
N GLY B 22 -19.29 27.33 -23.20
CA GLY B 22 -19.72 26.33 -24.15
C GLY B 22 -18.64 25.81 -25.07
N GLN B 23 -17.49 26.47 -25.14
CA GLN B 23 -16.43 25.98 -26.02
C GLN B 23 -15.28 25.40 -25.21
N THR B 24 -14.36 24.75 -25.93
CA THR B 24 -13.29 23.96 -25.32
C THR B 24 -11.98 24.76 -25.31
N CYS B 25 -11.30 24.73 -24.18
CA CYS B 25 -10.00 25.38 -24.03
C CYS B 25 -8.89 24.35 -24.19
N VAL B 26 -7.86 24.70 -24.95
CA VAL B 26 -6.69 23.85 -25.15
C VAL B 26 -5.50 24.57 -24.56
N VAL B 27 -4.95 24.04 -23.47
CA VAL B 27 -3.87 24.70 -22.75
C VAL B 27 -2.79 23.70 -22.37
N HIS B 28 -1.58 24.22 -22.18
CA HIS B 28 -0.52 23.55 -21.43
C HIS B 28 -0.42 24.19 -20.05
N TYR B 29 -0.30 23.34 -19.03
CA TYR B 29 -0.30 23.82 -17.65
C TYR B 29 0.85 23.15 -16.90
N THR B 30 1.37 23.89 -15.92
CA THR B 30 2.42 23.37 -15.05
C THR B 30 2.01 23.67 -13.62
N GLY B 31 1.63 22.63 -12.88
CA GLY B 31 1.10 22.77 -11.53
C GLY B 31 2.18 22.54 -10.49
N MET B 32 2.42 23.55 -9.66
CA MET B 32 3.42 23.46 -8.61
C MET B 32 2.82 24.02 -7.33
N LEU B 33 3.33 23.53 -6.21
CA LEU B 33 2.87 23.97 -4.89
C LEU B 33 3.38 25.36 -4.59
N GLN B 34 2.99 25.89 -3.42
CA GLN B 34 3.44 27.20 -3.01
C GLN B 34 4.95 27.25 -2.74
N ASN B 35 5.56 26.11 -2.43
CA ASN B 35 6.97 26.05 -2.09
C ASN B 35 7.87 25.93 -3.31
N GLY B 36 7.30 25.97 -4.52
CA GLY B 36 8.08 25.83 -5.74
C GLY B 36 8.25 24.42 -6.22
N LYS B 37 7.71 23.43 -5.52
CA LYS B 37 7.83 22.04 -5.94
C LYS B 37 6.81 21.71 -7.01
N LYS B 38 7.29 21.23 -8.15
CA LYS B 38 6.40 20.82 -9.24
C LYS B 38 5.88 19.43 -8.99
N PHE B 39 4.58 19.22 -9.28
CA PHE B 39 3.99 17.90 -9.16
C PHE B 39 3.42 17.36 -10.47
N ASP B 40 2.96 18.23 -11.37
CA ASP B 40 2.38 17.78 -12.63
C ASP B 40 2.53 18.89 -13.66
N SER B 41 2.53 18.48 -14.93
CA SER B 41 2.60 19.41 -16.05
C SER B 41 2.28 18.65 -17.33
N SER B 42 1.51 19.27 -18.22
CA SER B 42 1.19 18.63 -19.48
C SER B 42 2.39 18.54 -20.41
N ARG B 43 3.36 19.45 -20.26
CA ARG B 43 4.55 19.41 -21.12
C ARG B 43 5.36 18.14 -20.87
N ASP B 44 5.22 17.53 -19.70
CA ASP B 44 5.84 16.23 -19.47
C ASP B 44 5.26 15.17 -20.39
N ARG B 45 3.97 15.28 -20.72
CA ARG B 45 3.31 14.36 -21.62
C ARG B 45 3.36 14.79 -23.08
N ASN B 46 3.82 16.01 -23.35
CA ASN B 46 3.92 16.54 -24.72
C ASN B 46 2.57 16.53 -25.44
N LYS B 47 1.49 16.75 -24.69
CA LYS B 47 0.15 16.91 -25.25
C LYS B 47 -0.63 17.93 -24.44
N PRO B 48 -1.56 18.66 -25.08
CA PRO B 48 -2.24 19.62 -24.22
C PRO B 48 -3.37 19.02 -23.40
N PHE B 49 -3.98 19.84 -22.56
CA PHE B 49 -5.09 19.42 -21.72
C PHE B 49 -6.36 20.12 -22.16
N LYS B 50 -7.39 19.33 -22.45
CA LYS B 50 -8.63 19.86 -22.99
C LYS B 50 -9.74 19.79 -21.94
N PHE B 51 -10.37 20.92 -21.70
CA PHE B 51 -11.49 21.02 -20.78
C PHE B 51 -12.47 22.06 -21.31
N ARG B 52 -13.70 22.00 -20.83
CA ARG B 52 -14.77 22.83 -21.34
C ARG B 52 -15.24 23.80 -20.26
N ILE B 53 -15.57 25.02 -20.67
CA ILE B 53 -15.95 26.06 -19.71
C ILE B 53 -17.40 25.88 -19.31
N GLY B 54 -17.65 25.92 -18.00
CA GLY B 54 -19.01 25.92 -17.48
C GLY B 54 -19.57 24.59 -17.07
N LYS B 55 -18.86 23.48 -17.31
CA LYS B 55 -19.33 22.17 -16.91
C LYS B 55 -18.54 21.60 -15.74
N GLN B 56 -17.78 22.44 -15.03
CA GLN B 56 -17.10 22.05 -13.80
C GLN B 56 -16.23 20.82 -13.99
N GLU B 57 -15.56 20.75 -15.13
CA GLU B 57 -14.59 19.68 -15.35
C GLU B 57 -13.29 19.91 -14.59
N VAL B 58 -13.02 21.16 -14.20
CA VAL B 58 -11.83 21.52 -13.45
C VAL B 58 -12.27 22.25 -12.19
N ILE B 59 -11.30 22.51 -11.30
CA ILE B 59 -11.61 23.18 -10.06
C ILE B 59 -11.96 24.64 -10.37
N LYS B 60 -12.82 25.24 -9.53
CA LYS B 60 -13.31 26.59 -9.78
C LYS B 60 -12.16 27.59 -9.87
N GLY B 61 -11.07 27.35 -9.15
CA GLY B 61 -9.94 28.26 -9.21
C GLY B 61 -9.28 28.28 -10.57
N PHE B 62 -9.07 27.10 -11.17
CA PHE B 62 -8.44 27.04 -12.48
C PHE B 62 -9.35 27.59 -13.56
N GLU B 63 -10.65 27.35 -13.46
CA GLU B 63 -11.58 27.81 -14.49
C GLU B 63 -11.64 29.33 -14.54
N GLU B 64 -11.67 29.98 -13.38
CA GLU B 64 -11.77 31.44 -13.35
C GLU B 64 -10.56 32.09 -14.01
N GLY B 65 -9.36 31.57 -13.73
CA GLY B 65 -8.17 32.16 -14.32
C GLY B 65 -8.11 31.97 -15.83
N ALA B 66 -8.54 30.81 -16.32
CA ALA B 66 -8.49 30.55 -17.75
C ALA B 66 -9.43 31.46 -18.53
N ALA B 67 -10.55 31.87 -17.92
CA ALA B 67 -11.48 32.77 -18.59
C ALA B 67 -10.95 34.19 -18.68
N GLN B 68 -9.98 34.55 -17.85
CA GLN B 68 -9.37 35.87 -17.88
C GLN B 68 -8.13 35.94 -18.76
N MET B 69 -7.82 34.87 -19.48
CA MET B 69 -6.65 34.81 -20.33
C MET B 69 -7.04 35.01 -21.78
N SER B 70 -6.14 35.61 -22.56
CA SER B 70 -6.37 35.79 -23.98
C SER B 70 -5.71 34.66 -24.76
N LEU B 71 -6.09 34.55 -26.04
CA LEU B 71 -5.52 33.52 -26.89
C LEU B 71 -4.02 33.76 -27.09
N GLY B 72 -3.22 32.74 -26.76
CA GLY B 72 -1.78 32.85 -26.80
C GLY B 72 -1.15 33.36 -25.52
N GLN B 73 -1.95 33.87 -24.59
CA GLN B 73 -1.41 34.39 -23.34
C GLN B 73 -0.94 33.26 -22.44
N ARG B 74 0.15 33.51 -21.74
CA ARG B 74 0.68 32.60 -20.73
C ARG B 74 0.79 33.36 -19.41
N ALA B 75 0.20 32.82 -18.36
CA ALA B 75 0.12 33.54 -17.09
C ALA B 75 0.28 32.58 -15.93
N LYS B 76 0.67 33.14 -14.79
CA LYS B 76 0.85 32.38 -13.55
C LYS B 76 -0.39 32.58 -12.68
N LEU B 77 -1.01 31.47 -12.30
CA LEU B 77 -2.26 31.48 -11.54
C LEU B 77 -2.01 30.99 -10.12
N THR B 78 -2.73 31.58 -9.17
CA THR B 78 -2.66 31.17 -7.77
C THR B 78 -4.00 30.56 -7.39
N CYS B 79 -3.96 29.37 -6.79
CA CYS B 79 -5.16 28.65 -6.39
C CYS B 79 -5.12 28.43 -4.88
N THR B 80 -5.86 29.27 -4.15
CA THR B 80 -6.01 29.06 -2.72
C THR B 80 -6.91 27.85 -2.46
N PRO B 81 -6.79 27.23 -1.29
CA PRO B 81 -7.56 26.00 -1.03
C PRO B 81 -9.06 26.16 -1.16
N ASP B 82 -9.61 27.37 -0.93
CA ASP B 82 -11.04 27.54 -1.08
C ASP B 82 -11.49 27.32 -2.52
N VAL B 83 -10.67 27.69 -3.50
CA VAL B 83 -10.93 27.42 -4.90
C VAL B 83 -10.02 26.31 -5.41
N ALA B 84 -9.64 25.38 -4.53
CA ALA B 84 -8.83 24.23 -4.88
C ALA B 84 -9.37 23.00 -4.14
N TYR B 85 -8.55 21.97 -4.00
CA TYR B 85 -8.94 20.74 -3.32
C TYR B 85 -9.30 20.95 -1.85
N GLY B 86 -9.00 22.11 -1.28
CA GLY B 86 -9.45 22.43 0.06
C GLY B 86 -8.87 21.53 1.14
N ALA B 87 -9.64 21.32 2.21
CA ALA B 87 -9.15 20.52 3.33
C ALA B 87 -8.94 19.06 2.95
N THR B 88 -9.70 18.56 1.98
CA THR B 88 -9.57 17.15 1.61
C THR B 88 -8.28 16.88 0.85
N GLY B 89 -7.89 17.80 -0.04
CA GLY B 89 -6.73 17.57 -0.88
C GLY B 89 -7.06 16.62 -2.02
N HIS B 90 -6.02 15.95 -2.50
CA HIS B 90 -6.16 14.89 -3.50
C HIS B 90 -5.30 13.72 -3.06
N PRO B 91 -5.86 12.52 -2.96
CA PRO B 91 -5.08 11.38 -2.44
C PRO B 91 -3.85 11.11 -3.30
N GLY B 92 -2.68 11.34 -2.72
CA GLY B 92 -1.42 11.01 -3.34
C GLY B 92 -0.67 12.15 -3.99
N VAL B 93 -1.34 13.26 -4.30
CA VAL B 93 -0.66 14.36 -4.95
C VAL B 93 -0.54 15.54 -4.00
N ILE B 94 -1.68 16.08 -3.60
CA ILE B 94 -1.78 17.39 -2.96
C ILE B 94 -1.93 17.18 -1.46
N PRO B 95 -1.03 17.71 -0.64
CA PRO B 95 -1.26 17.70 0.81
C PRO B 95 -2.47 18.56 1.15
N PRO B 96 -3.16 18.26 2.24
CA PRO B 96 -4.37 19.02 2.60
C PRO B 96 -4.04 20.49 2.84
N ASN B 97 -5.01 21.35 2.47
CA ASN B 97 -4.92 22.79 2.69
C ASN B 97 -3.71 23.42 2.00
N ALA B 98 -3.32 22.87 0.86
CA ALA B 98 -2.16 23.38 0.13
C ALA B 98 -2.61 24.38 -0.93
N THR B 99 -1.84 25.47 -1.05
CA THR B 99 -2.06 26.45 -2.09
C THR B 99 -1.25 26.07 -3.32
N LEU B 100 -1.87 26.17 -4.49
CA LEU B 100 -1.27 25.72 -5.74
C LEU B 100 -0.97 26.91 -6.65
N ILE B 101 0.12 26.78 -7.41
CA ILE B 101 0.50 27.75 -8.42
C ILE B 101 0.54 27.04 -9.77
N PHE B 102 -0.16 27.60 -10.75
CA PHE B 102 -0.24 27.02 -12.08
C PHE B 102 0.36 27.97 -13.10
N ASP B 103 1.24 27.43 -13.96
CA ASP B 103 1.78 28.16 -15.09
C ASP B 103 1.13 27.58 -16.35
N VAL B 104 0.24 28.35 -16.95
CA VAL B 104 -0.64 27.84 -18.00
C VAL B 104 -0.51 28.72 -19.25
N GLU B 105 -0.44 28.06 -20.41
CA GLU B 105 -0.37 28.73 -21.70
C GLU B 105 -1.57 28.31 -22.54
N LEU B 106 -2.32 29.29 -23.02
CA LEU B 106 -3.49 29.03 -23.87
C LEU B 106 -3.04 28.94 -25.32
N LEU B 107 -3.21 27.76 -25.91
CA LEU B 107 -2.80 27.58 -27.30
C LEU B 107 -3.93 27.85 -28.29
N ASN B 108 -5.09 27.24 -28.09
CA ASN B 108 -6.16 27.33 -29.06
C ASN B 108 -7.50 27.22 -28.35
N LEU B 109 -8.54 27.72 -29.01
CA LEU B 109 -9.91 27.61 -28.52
C LEU B 109 -10.78 27.07 -29.65
N GLU B 110 -11.73 26.21 -29.30
CA GLU B 110 -12.64 25.63 -30.29
C GLU B 110 -14.08 26.03 -30.00
#